data_9KT5
#
_entry.id   9KT5
#
_cell.length_a   59.130
_cell.length_b   129.340
_cell.length_c   150.150
_cell.angle_alpha   90.00
_cell.angle_beta   90.00
_cell.angle_gamma   90.00
#
_symmetry.space_group_name_H-M   'P 21 21 21'
#
loop_
_entity.id
_entity.type
_entity.pdbx_description
1 polymer 'Bifunctional cytochrome P450/NADPH--P450 reductase'
2 non-polymer 'PROTOPORPHYRIN IX CONTAINING FE'
3 non-polymer ethenylbenzene
4 non-polymer 'OXYGEN MOLECULE'
5 non-polymer '(2S)-2-[[(2S)-1-heptylpyrrolidin-2-yl]carbonylamino]-3-phenyl-propanoic acid'
6 non-polymer GLYCEROL
7 water water
#
_entity_poly.entity_id   1
_entity_poly.type   'polypeptide(L)'
_entity_poly.pdbx_seq_one_letter_code
;MTIKEMPQPKTFGELKNLPLLNTDKPVQALMKIADELGEIFKFEAPGRVTRYLSSQRLIKEACDESRFDKNLSQALKFVR
DFAGDGLATSWTHEKNWKKAHNILLPSFSQQAMKGYHAMMVDIAVQLVQKWERLNADEHIEVPEDMTRLTLDTIGLCGFN
YRFNSFYRDQPHPFITSMVRALDEAMNKLQRANPDDPAYDENKRQFQEDIKVMNDLVDKIIADRKASGEQSDDLLTHMLN
GKDPETGEPLDDENIRYQIITFLIAGHETTSGLLSFALYFLVKNPHVLQKAAEEAARVLVDPVPSYKQVKQLKYVGMVLN
EALRLWPTAPAFSLYAKEDTVLGGEYPLEKGDELMVLIPQLHRDKTIWGDDVEEFRPERFENPSAIPQHAFKPHGNGQRA
CIGQQFALHEATLVLGMMLKHFDFEDHTNYELDIKETLTLKPEGFVVKAKSKKIPL
;
_entity_poly.pdbx_strand_id   A,B
#
# COMPACT_ATOMS: atom_id res chain seq x y z
N THR A 2 43.23 37.65 -27.18
CA THR A 2 43.47 36.25 -26.85
C THR A 2 42.24 35.40 -27.16
N ILE A 3 41.59 35.68 -28.29
CA ILE A 3 40.39 34.95 -28.69
C ILE A 3 40.76 33.51 -29.02
N LYS A 4 40.11 32.56 -28.34
CA LYS A 4 40.27 31.14 -28.62
C LYS A 4 39.11 30.63 -29.45
N GLU A 5 39.34 29.49 -30.11
CA GLU A 5 38.30 28.74 -30.80
C GLU A 5 37.88 27.58 -29.91
N MET A 6 36.57 27.49 -29.60
CA MET A 6 36.30 26.37 -28.70
C MET A 6 36.10 25.09 -29.49
N PRO A 7 36.41 23.94 -28.89
CA PRO A 7 36.18 22.66 -29.55
C PRO A 7 34.69 22.35 -29.67
N GLN A 8 34.41 21.31 -30.47
CA GLN A 8 33.05 20.87 -30.73
C GLN A 8 33.07 19.36 -30.94
N PRO A 9 32.11 18.62 -30.34
CA PRO A 9 32.08 17.17 -30.55
C PRO A 9 31.62 16.79 -31.95
N LYS A 10 31.65 15.49 -32.25
CA LYS A 10 31.44 15.02 -33.61
C LYS A 10 30.04 15.37 -34.12
N THR A 11 29.96 15.65 -35.42
CA THR A 11 28.75 16.09 -36.08
C THR A 11 28.21 15.03 -37.03
N PHE A 12 26.94 15.22 -37.41
CA PHE A 12 26.16 14.26 -38.18
C PHE A 12 25.49 14.97 -39.37
N GLY A 13 26.30 15.63 -40.19
CA GLY A 13 25.75 16.34 -41.34
C GLY A 13 24.77 17.42 -40.93
N GLU A 14 23.62 17.47 -41.61
CA GLU A 14 22.63 18.51 -41.34
C GLU A 14 22.04 18.40 -39.95
N LEU A 15 22.18 17.25 -39.28
CA LEU A 15 21.68 17.12 -37.92
C LEU A 15 22.65 17.72 -36.89
N LYS A 16 23.85 18.10 -37.32
CA LYS A 16 24.86 18.73 -36.46
C LYS A 16 25.16 17.80 -35.28
N ASN A 17 25.06 18.25 -34.03
CA ASN A 17 25.37 17.39 -32.88
C ASN A 17 24.15 16.68 -32.30
N LEU A 18 22.96 16.89 -32.86
CA LEU A 18 21.75 16.40 -32.23
C LEU A 18 21.76 14.90 -31.93
N PRO A 19 22.28 14.04 -32.81
CA PRO A 19 22.24 12.59 -32.52
C PRO A 19 23.06 12.20 -31.30
N LEU A 20 23.93 13.07 -30.79
CA LEU A 20 24.65 12.77 -29.55
C LEU A 20 23.69 12.65 -28.36
N LEU A 21 22.49 13.22 -28.48
CA LEU A 21 21.46 13.12 -27.45
C LEU A 21 20.55 11.92 -27.62
N ASN A 22 20.77 11.11 -28.67
CA ASN A 22 19.97 9.90 -28.89
C ASN A 22 20.52 8.79 -28.00
N THR A 23 20.24 8.92 -26.71
CA THR A 23 20.67 7.98 -25.68
C THR A 23 19.76 8.15 -24.47
N ASP A 24 19.65 7.09 -23.67
CA ASP A 24 18.84 7.22 -22.47
C ASP A 24 19.57 7.95 -21.34
N LYS A 25 20.87 8.26 -21.52
CA LYS A 25 21.66 8.91 -20.48
C LYS A 25 22.39 10.12 -21.07
N PRO A 26 21.65 11.12 -21.54
CA PRO A 26 22.31 12.23 -22.24
C PRO A 26 23.20 13.11 -21.36
N VAL A 27 22.82 13.37 -20.09
CA VAL A 27 23.70 14.17 -19.24
C VAL A 27 25.03 13.47 -19.03
N GLN A 28 24.98 12.16 -18.79
CA GLN A 28 26.23 11.42 -18.60
C GLN A 28 27.04 11.37 -19.88
N ALA A 29 26.38 11.34 -21.04
CA ALA A 29 27.12 11.41 -22.31
C ALA A 29 27.78 12.78 -22.47
N LEU A 30 27.10 13.85 -22.06
CA LEU A 30 27.72 15.18 -22.15
C LEU A 30 28.89 15.32 -21.17
N MET A 31 28.80 14.68 -20.00
CA MET A 31 29.94 14.66 -19.08
C MET A 31 31.15 14.01 -19.71
N LYS A 32 30.94 12.91 -20.44
CA LYS A 32 32.06 12.23 -21.09
C LYS A 32 32.66 13.10 -22.20
N ILE A 33 31.83 13.84 -22.93
CA ILE A 33 32.34 14.80 -23.90
C ILE A 33 33.16 15.88 -23.20
N ALA A 34 32.67 16.39 -22.07
CA ALA A 34 33.43 17.39 -21.32
C ALA A 34 34.79 16.84 -20.86
N ASP A 35 34.83 15.56 -20.46
CA ASP A 35 36.11 14.94 -20.12
C ASP A 35 37.08 15.02 -21.27
N GLU A 36 36.58 14.85 -22.50
CA GLU A 36 37.47 14.79 -23.66
C GLU A 36 37.83 16.18 -24.16
N LEU A 37 36.88 17.12 -24.12
CA LEU A 37 37.07 18.41 -24.77
C LEU A 37 37.44 19.55 -23.84
N GLY A 38 37.11 19.46 -22.54
CA GLY A 38 37.55 20.44 -21.56
C GLY A 38 36.43 21.35 -21.06
N GLU A 39 36.85 22.55 -20.63
CA GLU A 39 35.96 23.42 -19.84
C GLU A 39 34.85 24.07 -20.67
N ILE A 40 34.94 24.06 -22.00
CA ILE A 40 33.92 24.69 -22.83
C ILE A 40 33.86 24.00 -24.19
N PHE A 41 32.66 23.65 -24.66
CA PHE A 41 32.54 23.17 -26.02
C PHE A 41 31.24 23.66 -26.65
N LYS A 42 31.30 23.84 -27.97
CA LYS A 42 30.14 24.25 -28.76
C LYS A 42 29.24 23.05 -29.05
N PHE A 43 27.92 23.27 -29.03
CA PHE A 43 26.97 22.21 -29.35
C PHE A 43 25.89 22.78 -30.25
N GLU A 44 25.71 22.19 -31.44
CA GLU A 44 24.78 22.70 -32.44
C GLU A 44 23.68 21.68 -32.73
N ALA A 45 22.50 22.19 -33.01
CA ALA A 45 21.39 21.47 -33.58
C ALA A 45 20.81 22.33 -34.69
N PRO A 46 19.98 21.76 -35.55
CA PRO A 46 19.32 22.61 -36.56
C PRO A 46 18.65 23.81 -35.91
N GLY A 47 19.08 25.01 -36.29
CA GLY A 47 18.49 26.23 -35.81
C GLY A 47 18.89 26.65 -34.40
N ARG A 48 19.92 26.06 -33.82
CA ARG A 48 20.26 26.40 -32.44
C ARG A 48 21.74 26.15 -32.19
N VAL A 49 22.32 27.00 -31.34
CA VAL A 49 23.69 26.85 -30.85
C VAL A 49 23.70 27.11 -29.36
N THR A 50 24.46 26.30 -28.62
CA THR A 50 24.73 26.59 -27.21
C THR A 50 26.18 26.19 -26.92
N ARG A 51 26.63 26.54 -25.71
CA ARG A 51 27.99 26.27 -25.26
C ARG A 51 27.94 25.66 -23.87
N TYR A 52 28.53 24.47 -23.71
CA TYR A 52 28.54 23.77 -22.42
C TYR A 52 29.75 24.18 -21.60
N LEU A 53 29.50 24.72 -20.40
CA LEU A 53 30.55 25.13 -19.47
C LEU A 53 30.72 24.12 -18.34
N SER A 54 31.97 23.81 -18.00
CA SER A 54 32.30 22.80 -17.01
C SER A 54 33.28 23.25 -15.94
N SER A 55 33.90 24.42 -16.05
CA SER A 55 34.92 24.84 -15.10
C SER A 55 34.40 25.98 -14.22
N GLN A 56 34.88 26.02 -12.97
CA GLN A 56 34.52 27.14 -12.11
C GLN A 56 35.06 28.46 -12.66
N ARG A 57 36.19 28.40 -13.38
CA ARG A 57 36.78 29.61 -13.95
C ARG A 57 35.78 30.35 -14.84
N LEU A 58 35.07 29.62 -15.70
CA LEU A 58 34.10 30.26 -16.57
C LEU A 58 32.73 30.39 -15.93
N ILE A 59 32.32 29.43 -15.11
CA ILE A 59 30.96 29.49 -14.58
C ILE A 59 30.82 30.64 -13.58
N LYS A 60 31.90 31.02 -12.88
CA LYS A 60 31.79 32.16 -11.96
C LYS A 60 31.46 33.45 -12.72
N GLU A 61 31.90 33.57 -13.98
CA GLU A 61 31.49 34.71 -14.81
C GLU A 61 30.06 34.55 -15.31
N ALA A 62 29.68 33.33 -15.71
CA ALA A 62 28.32 33.10 -16.17
C ALA A 62 27.28 33.46 -15.09
N CYS A 63 27.67 33.37 -13.81
CA CYS A 63 26.75 33.63 -12.71
C CYS A 63 26.60 35.11 -12.37
N ASP A 64 27.25 36.00 -13.14
CA ASP A 64 27.11 37.45 -12.97
C ASP A 64 25.77 37.88 -13.55
N GLU A 65 24.80 38.18 -12.67
CA GLU A 65 23.45 38.50 -13.14
C GLU A 65 23.38 39.79 -13.94
N SER A 66 24.41 40.63 -13.88
CA SER A 66 24.39 41.81 -14.72
C SER A 66 24.72 41.48 -16.17
N ARG A 67 25.31 40.31 -16.41
CA ARG A 67 25.73 39.91 -17.74
C ARG A 67 24.89 38.79 -18.34
N PHE A 68 24.32 37.91 -17.51
CA PHE A 68 23.59 36.74 -17.98
C PHE A 68 22.31 36.55 -17.19
N ASP A 69 21.24 36.18 -17.89
CA ASP A 69 19.95 35.90 -17.28
C ASP A 69 19.57 34.44 -17.56
N LYS A 70 18.64 33.91 -16.77
CA LYS A 70 18.15 32.55 -16.99
C LYS A 70 17.55 32.39 -18.40
N ASN A 71 17.96 31.33 -19.09
CA ASN A 71 17.40 30.93 -20.38
C ASN A 71 16.55 29.67 -20.21
N LEU A 72 15.50 29.53 -21.01
CA LEU A 72 14.76 28.26 -21.06
C LEU A 72 15.48 27.33 -22.03
N SER A 73 16.09 26.28 -21.50
CA SER A 73 16.61 25.21 -22.34
C SER A 73 15.47 24.57 -23.14
N GLN A 74 15.84 23.78 -24.15
CA GLN A 74 14.80 23.06 -24.88
C GLN A 74 13.99 22.20 -23.91
N ALA A 75 14.67 21.56 -22.95
CA ALA A 75 13.98 20.74 -21.97
C ALA A 75 12.92 21.53 -21.22
N LEU A 76 13.27 22.73 -20.73
CA LEU A 76 12.28 23.52 -20.01
C LEU A 76 11.17 24.02 -20.95
N LYS A 77 11.48 24.30 -22.22
CA LYS A 77 10.42 24.67 -23.14
C LYS A 77 9.42 23.53 -23.31
N PHE A 78 9.91 22.27 -23.29
CA PHE A 78 8.98 21.15 -23.40
C PHE A 78 8.18 20.97 -22.11
N VAL A 79 8.84 21.13 -20.95
CA VAL A 79 8.12 21.07 -19.68
C VAL A 79 7.07 22.16 -19.60
N ARG A 80 7.33 23.33 -20.21
CA ARG A 80 6.37 24.41 -20.20
C ARG A 80 5.05 24.03 -20.87
N ASP A 81 5.05 22.99 -21.71
CA ASP A 81 3.78 22.53 -22.28
C ASP A 81 2.78 22.12 -21.21
N PHE A 82 3.25 21.73 -20.01
CA PHE A 82 2.31 21.51 -18.91
C PHE A 82 2.57 22.38 -17.69
N ALA A 83 3.75 22.98 -17.53
CA ALA A 83 4.01 23.87 -16.40
C ALA A 83 3.83 25.35 -16.73
N GLY A 84 3.59 25.70 -18.00
CA GLY A 84 3.18 27.05 -18.37
C GLY A 84 4.15 28.09 -17.87
N ASP A 85 3.60 29.22 -17.39
CA ASP A 85 4.43 30.27 -16.81
C ASP A 85 4.45 30.19 -15.28
N GLY A 86 4.45 28.97 -14.73
CA GLY A 86 4.88 28.76 -13.35
C GLY A 86 6.32 29.23 -13.13
N LEU A 87 6.75 29.19 -11.87
CA LEU A 87 8.02 29.84 -11.51
C LEU A 87 9.20 29.26 -12.28
N ALA A 88 9.23 27.93 -12.48
CA ALA A 88 10.44 27.31 -13.03
C ALA A 88 10.55 27.45 -14.54
N THR A 89 9.43 27.63 -15.24
CA THR A 89 9.46 27.68 -16.70
C THR A 89 9.07 29.05 -17.26
N SER A 90 9.06 30.09 -16.44
CA SER A 90 8.82 31.43 -16.93
C SER A 90 10.13 32.19 -17.16
N TRP A 91 10.11 33.12 -18.11
CA TRP A 91 11.25 34.02 -18.31
C TRP A 91 11.26 35.09 -17.22
N THR A 92 12.45 35.56 -16.86
CA THR A 92 12.57 36.54 -15.78
C THR A 92 11.76 37.80 -16.08
N HIS A 93 11.59 38.12 -17.36
CA HIS A 93 10.90 39.33 -17.77
C HIS A 93 9.40 39.17 -17.94
N GLU A 94 8.87 37.96 -17.81
CA GLU A 94 7.42 37.79 -17.82
C GLU A 94 6.84 38.28 -16.51
N LYS A 95 5.73 39.02 -16.61
CA LYS A 95 5.12 39.61 -15.42
C LYS A 95 4.90 38.58 -14.33
N ASN A 96 4.43 37.38 -14.70
CA ASN A 96 4.07 36.40 -13.69
C ASN A 96 5.28 35.82 -12.96
N TRP A 97 6.52 36.00 -13.43
CA TRP A 97 7.64 35.48 -12.65
C TRP A 97 7.81 36.26 -11.35
N LYS A 98 8.10 37.56 -11.45
CA LYS A 98 8.34 38.35 -10.24
C LYS A 98 7.10 38.39 -9.36
N LYS A 99 5.93 38.46 -9.97
CA LYS A 99 4.69 38.49 -9.21
C LYS A 99 4.54 37.24 -8.33
N ALA A 100 4.65 36.06 -8.94
CA ALA A 100 4.55 34.81 -8.17
C ALA A 100 5.72 34.65 -7.21
N HIS A 101 6.92 35.08 -7.63
CA HIS A 101 8.07 35.05 -6.72
C HIS A 101 7.78 35.85 -5.45
N ASN A 102 7.29 37.09 -5.60
CA ASN A 102 7.00 37.91 -4.44
C ASN A 102 5.94 37.27 -3.56
N ILE A 103 4.92 36.66 -4.19
CA ILE A 103 3.79 36.11 -3.45
C ILE A 103 4.19 34.85 -2.70
N LEU A 104 5.06 34.02 -3.29
CA LEU A 104 5.35 32.71 -2.73
C LEU A 104 6.62 32.64 -1.88
N LEU A 105 7.53 33.61 -2.01
CA LEU A 105 8.72 33.58 -1.15
C LEU A 105 8.41 33.44 0.33
N PRO A 106 7.39 34.11 0.90
CA PRO A 106 7.11 33.93 2.34
C PRO A 106 6.72 32.51 2.71
N SER A 107 6.27 31.70 1.74
CA SER A 107 5.96 30.30 1.99
C SER A 107 7.19 29.45 2.22
N PHE A 108 8.39 30.01 2.09
CA PHE A 108 9.63 29.30 2.37
C PHE A 108 10.50 30.04 3.39
N SER A 109 9.89 30.88 4.21
CA SER A 109 10.61 31.53 5.29
C SER A 109 10.87 30.55 6.44
N GLN A 110 11.73 30.96 7.36
CA GLN A 110 11.94 30.20 8.59
C GLN A 110 10.62 29.89 9.27
N GLN A 111 9.78 30.91 9.44
CA GLN A 111 8.50 30.73 10.11
C GLN A 111 7.63 29.73 9.36
N ALA A 112 7.69 29.75 8.03
CA ALA A 112 6.94 28.78 7.24
C ALA A 112 7.45 27.37 7.46
N MET A 113 8.78 27.19 7.54
CA MET A 113 9.32 25.85 7.71
C MET A 113 8.93 25.27 9.07
N LYS A 114 8.94 26.09 10.12
CA LYS A 114 8.45 25.65 11.41
C LYS A 114 7.02 25.15 11.30
N GLY A 115 6.22 25.78 10.42
CA GLY A 115 4.83 25.36 10.25
C GLY A 115 4.65 24.07 9.48
N TYR A 116 5.56 23.78 8.54
CA TYR A 116 5.52 22.53 7.78
C TYR A 116 6.04 21.34 8.56
N HIS A 117 6.79 21.59 9.64
CA HIS A 117 7.60 20.53 10.24
C HIS A 117 6.74 19.34 10.70
N ALA A 118 5.62 19.61 11.36
CA ALA A 118 4.82 18.52 11.90
C ALA A 118 4.32 17.58 10.80
N MET A 119 3.92 18.14 9.66
N MET A 119 3.93 18.13 9.65
CA MET A 119 3.47 17.32 8.55
CA MET A 119 3.46 17.26 8.58
C MET A 119 4.62 16.57 7.90
C MET A 119 4.61 16.61 7.81
N MET A 120 5.82 17.17 7.85
CA MET A 120 6.97 16.41 7.39
C MET A 120 7.19 15.19 8.27
N VAL A 121 7.03 15.35 9.59
CA VAL A 121 7.22 14.22 10.50
C VAL A 121 6.17 13.14 10.25
N ASP A 122 4.92 13.54 9.96
CA ASP A 122 3.87 12.58 9.66
C ASP A 122 4.32 11.60 8.57
N ILE A 123 4.84 12.13 7.46
CA ILE A 123 5.24 11.28 6.35
C ILE A 123 6.49 10.49 6.70
N ALA A 124 7.44 11.13 7.38
CA ALA A 124 8.69 10.46 7.76
C ALA A 124 8.40 9.26 8.64
N VAL A 125 7.46 9.41 9.57
CA VAL A 125 7.11 8.30 10.45
C VAL A 125 6.49 7.15 9.65
N GLN A 126 5.71 7.47 8.61
CA GLN A 126 5.19 6.41 7.76
C GLN A 126 6.31 5.64 7.07
N LEU A 127 7.36 6.34 6.64
CA LEU A 127 8.51 5.66 6.05
C LEU A 127 9.18 4.73 7.06
N VAL A 128 9.47 5.24 8.26
CA VAL A 128 10.15 4.41 9.26
C VAL A 128 9.29 3.20 9.62
N GLN A 129 7.98 3.40 9.77
CA GLN A 129 7.11 2.27 10.11
C GLN A 129 7.09 1.23 8.99
N LYS A 130 7.07 1.67 7.72
CA LYS A 130 7.13 0.70 6.63
C LYS A 130 8.36 -0.20 6.78
N TRP A 131 9.51 0.41 7.05
CA TRP A 131 10.73 -0.37 7.13
C TRP A 131 10.78 -1.22 8.40
N GLU A 132 10.23 -0.73 9.52
CA GLU A 132 10.16 -1.58 10.72
C GLU A 132 9.32 -2.83 10.48
N ARG A 133 8.40 -2.78 9.53
CA ARG A 133 7.44 -3.84 9.29
C ARG A 133 7.86 -4.82 8.19
N LEU A 134 9.05 -4.66 7.60
CA LEU A 134 9.52 -5.64 6.64
C LEU A 134 9.91 -6.94 7.34
N ASN A 135 9.73 -8.07 6.64
CA ASN A 135 10.19 -9.33 7.18
C ASN A 135 11.68 -9.51 6.97
N ALA A 136 12.23 -10.54 7.62
CA ALA A 136 13.65 -10.84 7.51
C ALA A 136 14.04 -11.08 6.05
N ASP A 137 15.14 -10.45 5.64
CA ASP A 137 15.69 -10.69 4.32
C ASP A 137 14.81 -10.16 3.18
N GLU A 138 13.69 -9.51 3.51
CA GLU A 138 13.14 -8.60 2.52
C GLU A 138 14.06 -7.39 2.40
N HIS A 139 13.93 -6.65 1.31
CA HIS A 139 14.80 -5.50 1.10
C HIS A 139 13.98 -4.26 0.82
N ILE A 140 14.69 -3.13 0.74
CA ILE A 140 14.11 -1.82 0.49
C ILE A 140 14.44 -1.42 -0.94
N GLU A 141 13.44 -0.97 -1.68
CA GLU A 141 13.63 -0.34 -2.99
C GLU A 141 13.79 1.15 -2.73
N VAL A 142 15.03 1.65 -2.80
CA VAL A 142 15.35 2.95 -2.22
C VAL A 142 14.72 4.10 -3.01
N PRO A 143 15.04 4.31 -4.29
CA PRO A 143 14.41 5.44 -5.00
C PRO A 143 12.90 5.36 -5.01
N GLU A 144 12.34 4.15 -5.02
CA GLU A 144 10.89 4.01 -4.99
C GLU A 144 10.32 4.56 -3.68
N ASP A 145 10.90 4.17 -2.54
CA ASP A 145 10.39 4.65 -1.25
C ASP A 145 10.75 6.12 -1.01
N MET A 146 11.87 6.61 -1.52
CA MET A 146 12.15 8.03 -1.35
C MET A 146 11.16 8.88 -2.16
N THR A 147 10.69 8.36 -3.31
CA THR A 147 9.71 9.08 -4.11
C THR A 147 8.34 9.05 -3.44
N ARG A 148 7.99 7.91 -2.82
CA ARG A 148 6.79 7.87 -1.99
C ARG A 148 6.83 8.96 -0.93
N LEU A 149 7.96 9.08 -0.22
CA LEU A 149 8.09 10.05 0.85
C LEU A 149 8.00 11.48 0.33
N THR A 150 8.80 11.85 -0.67
CA THR A 150 8.85 13.28 -1.03
C THR A 150 7.57 13.73 -1.73
N LEU A 151 6.94 12.87 -2.53
CA LEU A 151 5.66 13.25 -3.11
C LEU A 151 4.62 13.47 -2.02
N ASP A 152 4.56 12.56 -1.04
CA ASP A 152 3.58 12.74 0.03
C ASP A 152 3.88 14.00 0.84
N THR A 153 5.15 14.33 1.02
CA THR A 153 5.50 15.50 1.82
C THR A 153 5.05 16.79 1.14
N ILE A 154 5.33 16.94 -0.16
CA ILE A 154 4.92 18.19 -0.77
C ILE A 154 3.40 18.25 -0.88
N GLY A 155 2.73 17.10 -1.06
CA GLY A 155 1.28 17.11 -1.12
C GLY A 155 0.64 17.56 0.19
N LEU A 156 1.12 17.01 1.30
CA LEU A 156 0.55 17.32 2.61
C LEU A 156 0.97 18.71 3.11
N CYS A 157 2.27 18.99 3.11
CA CYS A 157 2.75 20.29 3.57
C CYS A 157 2.25 21.43 2.71
N GLY A 158 2.27 21.25 1.39
CA GLY A 158 1.93 22.34 0.50
C GLY A 158 0.45 22.52 0.24
N PHE A 159 -0.33 21.44 0.25
CA PHE A 159 -1.69 21.48 -0.26
C PHE A 159 -2.71 20.77 0.62
N ASN A 160 -2.30 20.25 1.78
CA ASN A 160 -3.19 19.50 2.67
C ASN A 160 -3.88 18.35 1.93
N TYR A 161 -3.15 17.70 1.02
CA TYR A 161 -3.66 16.58 0.25
C TYR A 161 -2.80 15.36 0.51
N ARG A 162 -3.43 14.20 0.77
CA ARG A 162 -2.69 12.98 1.05
C ARG A 162 -2.66 12.09 -0.19
N PHE A 163 -1.49 11.97 -0.82
CA PHE A 163 -1.33 11.02 -1.91
C PHE A 163 -1.32 9.58 -1.41
N ASN A 164 -1.05 9.36 -0.12
CA ASN A 164 -1.08 8.02 0.48
C ASN A 164 -0.21 7.02 -0.29
N SER A 165 1.00 7.47 -0.62
CA SER A 165 1.86 6.66 -1.47
C SER A 165 2.32 5.38 -0.77
N PHE A 166 2.38 5.37 0.56
CA PHE A 166 2.78 4.17 1.28
C PHE A 166 1.64 3.17 1.40
N TYR A 167 0.45 3.50 0.88
CA TYR A 167 -0.65 2.56 0.80
C TYR A 167 -0.74 1.93 -0.59
N ARG A 168 0.26 2.14 -1.44
CA ARG A 168 0.27 1.64 -2.82
C ARG A 168 1.54 0.84 -3.07
N ASP A 169 1.39 -0.35 -3.67
CA ASP A 169 2.58 -1.07 -4.11
C ASP A 169 3.06 -0.61 -5.48
N GLN A 170 2.24 0.15 -6.20
CA GLN A 170 2.60 0.77 -7.47
C GLN A 170 2.60 2.29 -7.31
N PRO A 171 3.29 3.00 -8.20
CA PRO A 171 3.34 4.47 -8.08
C PRO A 171 1.96 5.09 -8.18
N HIS A 172 1.81 6.25 -7.56
CA HIS A 172 0.58 7.02 -7.74
C HIS A 172 0.39 7.34 -9.21
N PRO A 173 -0.85 7.40 -9.69
CA PRO A 173 -1.09 7.76 -11.10
C PRO A 173 -0.38 9.04 -11.50
N PHE A 174 -0.30 10.01 -10.60
CA PHE A 174 0.43 11.23 -10.90
C PHE A 174 1.87 10.92 -11.27
N ILE A 175 2.54 10.09 -10.46
CA ILE A 175 3.94 9.77 -10.72
C ILE A 175 4.11 9.06 -12.07
N THR A 176 3.22 8.11 -12.38
CA THR A 176 3.33 7.39 -13.64
C THR A 176 3.23 8.32 -14.84
N SER A 177 2.26 9.24 -14.80
CA SER A 177 2.12 10.22 -15.87
C SER A 177 3.29 11.19 -15.90
N MET A 178 3.69 11.70 -14.74
CA MET A 178 4.78 12.67 -14.70
C MET A 178 6.06 12.09 -15.27
N VAL A 179 6.39 10.86 -14.89
CA VAL A 179 7.61 10.24 -15.40
C VAL A 179 7.50 10.04 -16.91
N ARG A 180 6.30 9.72 -17.40
CA ARG A 180 6.11 9.53 -18.83
C ARG A 180 6.19 10.85 -19.58
N ALA A 181 5.78 11.95 -18.94
CA ALA A 181 5.93 13.27 -19.56
C ALA A 181 7.39 13.67 -19.61
N LEU A 182 8.13 13.44 -18.52
CA LEU A 182 9.56 13.79 -18.50
C LEU A 182 10.34 12.92 -19.48
N ASP A 183 9.99 11.63 -19.58
CA ASP A 183 10.61 10.77 -20.57
C ASP A 183 10.38 11.31 -21.98
N GLU A 184 9.14 11.67 -22.28
CA GLU A 184 8.83 12.22 -23.60
C GLU A 184 9.59 13.51 -23.86
N ALA A 185 9.68 14.38 -22.84
CA ALA A 185 10.42 15.62 -23.02
C ALA A 185 11.90 15.35 -23.30
N MET A 186 12.51 14.42 -22.55
CA MET A 186 13.91 14.11 -22.77
C MET A 186 14.14 13.47 -24.14
N ASN A 187 13.27 12.52 -24.52
CA ASN A 187 13.44 11.87 -25.81
C ASN A 187 13.19 12.83 -26.96
N LYS A 188 12.28 13.79 -26.77
CA LYS A 188 11.97 14.76 -27.81
C LYS A 188 13.14 15.68 -28.11
N LEU A 189 14.11 15.79 -27.20
CA LEU A 189 15.26 16.68 -27.40
C LEU A 189 16.04 16.32 -28.67
N GLN A 190 16.11 15.05 -29.01
CA GLN A 190 16.91 14.62 -30.17
C GLN A 190 16.07 14.42 -31.44
N ARG A 191 14.76 14.65 -31.38
CA ARG A 191 13.90 14.44 -32.55
C ARG A 191 14.10 15.57 -33.56
N ALA A 192 14.59 15.22 -34.74
CA ALA A 192 14.77 16.23 -35.79
C ALA A 192 13.44 16.64 -36.43
N ASN A 193 12.49 15.72 -36.57
CA ASN A 193 11.20 15.99 -37.19
C ASN A 193 10.08 15.67 -36.21
N PRO A 194 9.90 16.50 -35.17
CA PRO A 194 8.90 16.17 -34.14
C PRO A 194 7.48 16.06 -34.68
N ASP A 195 7.17 16.70 -35.80
CA ASP A 195 5.83 16.64 -36.37
C ASP A 195 5.69 15.50 -37.38
N ASP A 196 6.65 14.60 -37.45
CA ASP A 196 6.52 13.42 -38.30
C ASP A 196 5.41 12.52 -37.76
N PRO A 197 4.48 12.06 -38.61
CA PRO A 197 3.36 11.24 -38.11
C PRO A 197 3.79 10.01 -37.33
N ALA A 198 5.07 9.61 -37.38
CA ALA A 198 5.52 8.52 -36.52
C ALA A 198 5.35 8.83 -35.04
N TYR A 199 5.26 10.12 -34.67
CA TYR A 199 5.12 10.52 -33.28
C TYR A 199 3.68 10.93 -32.94
N ASP A 200 2.71 10.47 -33.71
CA ASP A 200 1.32 10.77 -33.40
C ASP A 200 0.91 10.15 -32.08
N GLU A 201 1.36 8.93 -31.80
CA GLU A 201 1.00 8.26 -30.56
C GLU A 201 1.72 8.90 -29.37
N ASN A 202 2.97 9.30 -29.56
CA ASN A 202 3.67 10.06 -28.51
C ASN A 202 2.88 11.30 -28.14
N LYS A 203 2.41 12.05 -29.15
CA LYS A 203 1.64 13.25 -28.87
C LYS A 203 0.34 12.93 -28.14
N ARG A 204 -0.36 11.88 -28.56
CA ARG A 204 -1.58 11.49 -27.86
C ARG A 204 -1.30 11.10 -26.42
N GLN A 205 -0.28 10.26 -26.20
CA GLN A 205 0.06 9.85 -24.84
C GLN A 205 0.49 11.05 -23.99
N PHE A 206 1.28 11.95 -24.59
CA PHE A 206 1.68 13.17 -23.89
C PHE A 206 0.46 13.94 -23.37
N GLN A 207 -0.52 14.18 -24.25
CA GLN A 207 -1.73 14.86 -23.82
C GLN A 207 -2.44 14.07 -22.73
N GLU A 208 -2.46 12.74 -22.85
CA GLU A 208 -3.11 11.91 -21.84
C GLU A 208 -2.43 12.06 -20.49
N ASP A 209 -1.09 12.09 -20.47
CA ASP A 209 -0.39 12.25 -19.20
C ASP A 209 -0.58 13.66 -18.63
N ILE A 210 -0.71 14.65 -19.50
CA ILE A 210 -0.98 16.02 -19.04
C ILE A 210 -2.37 16.11 -18.42
N LYS A 211 -3.35 15.40 -18.98
CA LYS A 211 -4.69 15.45 -18.39
C LYS A 211 -4.74 14.78 -17.02
N VAL A 212 -3.99 13.69 -16.84
CA VAL A 212 -3.93 13.02 -15.54
C VAL A 212 -3.42 14.00 -14.49
N MET A 213 -2.34 14.72 -14.80
CA MET A 213 -1.78 15.66 -13.84
C MET A 213 -2.76 16.79 -13.55
N ASN A 214 -3.45 17.30 -14.59
CA ASN A 214 -4.38 18.39 -14.39
C ASN A 214 -5.62 17.97 -13.63
N ASP A 215 -6.03 16.71 -13.78
CA ASP A 215 -7.18 16.22 -13.03
C ASP A 215 -6.92 16.25 -11.53
N LEU A 216 -5.72 15.83 -11.12
CA LEU A 216 -5.36 15.90 -9.71
C LEU A 216 -5.33 17.34 -9.22
N VAL A 217 -4.79 18.25 -10.04
CA VAL A 217 -4.80 19.67 -9.67
C VAL A 217 -6.22 20.15 -9.41
N ASP A 218 -7.16 19.72 -10.25
CA ASP A 218 -8.57 20.08 -10.05
C ASP A 218 -9.04 19.68 -8.65
N LYS A 219 -8.75 18.44 -8.26
CA LYS A 219 -9.22 17.93 -6.97
C LYS A 219 -8.59 18.68 -5.81
N ILE A 220 -7.30 19.00 -5.91
CA ILE A 220 -6.65 19.76 -4.85
C ILE A 220 -7.33 21.11 -4.68
N ILE A 221 -7.60 21.79 -5.79
CA ILE A 221 -8.23 23.11 -5.71
C ILE A 221 -9.65 22.99 -5.15
N ALA A 222 -10.42 22.04 -5.68
CA ALA A 222 -11.81 21.87 -5.23
C ALA A 222 -11.88 21.56 -3.74
N ASP A 223 -10.99 20.68 -3.26
CA ASP A 223 -11.03 20.28 -1.86
C ASP A 223 -10.74 21.47 -0.94
N ARG A 224 -9.79 22.33 -1.31
CA ARG A 224 -9.46 23.47 -0.47
C ARG A 224 -10.61 24.47 -0.40
N LYS A 225 -11.13 24.90 -1.56
CA LYS A 225 -12.12 25.97 -1.55
C LYS A 225 -13.44 25.51 -0.94
N ALA A 226 -13.69 24.20 -0.87
CA ALA A 226 -14.85 23.68 -0.16
C ALA A 226 -14.53 23.29 1.28
N SER A 227 -13.25 23.21 1.64
CA SER A 227 -12.85 22.78 2.96
C SER A 227 -13.40 23.74 4.03
N GLY A 228 -13.51 23.22 5.25
CA GLY A 228 -13.91 24.01 6.39
C GLY A 228 -12.76 24.20 7.37
N GLU A 229 -11.60 23.67 7.02
CA GLU A 229 -10.41 23.80 7.84
C GLU A 229 -9.64 25.06 7.46
N GLN A 230 -9.08 25.73 8.46
CA GLN A 230 -8.31 26.95 8.25
C GLN A 230 -6.85 26.56 8.02
N SER A 231 -6.43 26.58 6.76
CA SER A 231 -5.08 26.22 6.39
C SER A 231 -4.23 27.47 6.21
N ASP A 232 -2.93 27.33 6.49
CA ASP A 232 -1.95 28.36 6.23
C ASP A 232 -0.74 27.68 5.58
N ASP A 233 -0.89 27.28 4.32
CA ASP A 233 0.16 26.56 3.63
C ASP A 233 0.44 27.19 2.27
N LEU A 234 1.18 26.47 1.43
CA LEU A 234 1.57 27.01 0.12
C LEU A 234 0.35 27.38 -0.71
N LEU A 235 -0.67 26.52 -0.71
CA LEU A 235 -1.88 26.78 -1.49
C LEU A 235 -2.62 28.02 -0.95
N THR A 236 -2.60 28.22 0.37
CA THR A 236 -3.21 29.41 0.94
C THR A 236 -2.60 30.67 0.34
N HIS A 237 -1.27 30.72 0.24
CA HIS A 237 -0.60 31.87 -0.37
C HIS A 237 -0.94 32.01 -1.85
N MET A 238 -1.01 30.89 -2.57
CA MET A 238 -1.37 30.96 -3.99
C MET A 238 -2.75 31.59 -4.17
N LEU A 239 -3.71 31.22 -3.31
CA LEU A 239 -5.08 31.69 -3.46
C LEU A 239 -5.32 33.06 -2.86
N ASN A 240 -4.50 33.52 -1.91
CA ASN A 240 -4.80 34.74 -1.18
C ASN A 240 -3.70 35.78 -1.17
N GLY A 241 -2.45 35.43 -1.42
CA GLY A 241 -1.37 36.40 -1.35
C GLY A 241 -1.48 37.46 -2.42
N LYS A 242 -1.05 38.67 -2.08
CA LYS A 242 -1.02 39.79 -3.01
C LYS A 242 0.43 40.22 -3.24
N ASP A 243 0.79 40.45 -4.49
CA ASP A 243 2.12 40.92 -4.83
C ASP A 243 2.31 42.36 -4.36
N PRO A 244 3.31 42.67 -3.55
CA PRO A 244 3.53 44.07 -3.15
C PRO A 244 3.77 45.00 -4.33
N GLU A 245 4.41 44.53 -5.40
CA GLU A 245 4.77 45.40 -6.52
C GLU A 245 3.55 45.75 -7.37
N THR A 246 2.95 44.74 -8.01
CA THR A 246 1.77 44.98 -8.85
C THR A 246 0.49 45.14 -8.05
N GLY A 247 0.46 44.65 -6.80
CA GLY A 247 -0.72 44.72 -5.97
C GLY A 247 -1.74 43.63 -6.23
N GLU A 248 -1.54 42.78 -7.27
CA GLU A 248 -2.43 41.76 -7.80
C GLU A 248 -2.16 40.40 -7.15
N PRO A 249 -3.21 39.59 -7.00
CA PRO A 249 -3.01 38.17 -6.68
C PRO A 249 -2.78 37.40 -7.98
N LEU A 250 -2.32 36.16 -7.83
CA LEU A 250 -2.24 35.27 -8.98
C LEU A 250 -3.63 34.99 -9.52
N ASP A 251 -3.75 34.79 -10.83
CA ASP A 251 -5.05 34.39 -11.37
C ASP A 251 -5.14 32.88 -11.48
N ASP A 252 -6.34 32.40 -11.80
CA ASP A 252 -6.63 30.96 -11.73
C ASP A 252 -5.73 30.17 -12.67
N GLU A 253 -5.50 30.66 -13.89
CA GLU A 253 -4.63 29.92 -14.82
C GLU A 253 -3.23 29.76 -14.25
N ASN A 254 -2.63 30.85 -13.74
CA ASN A 254 -1.27 30.74 -13.23
C ASN A 254 -1.22 29.87 -11.97
N ILE A 255 -2.25 29.95 -11.11
CA ILE A 255 -2.26 29.09 -9.92
C ILE A 255 -2.16 27.62 -10.31
N ARG A 256 -2.93 27.21 -11.33
CA ARG A 256 -2.86 25.82 -11.78
C ARG A 256 -1.46 25.43 -12.22
N TYR A 257 -0.77 26.35 -12.92
CA TYR A 257 0.61 26.09 -13.33
C TYR A 257 1.54 25.98 -12.14
N GLN A 258 1.34 26.82 -11.11
CA GLN A 258 2.20 26.73 -9.93
C GLN A 258 2.01 25.41 -9.21
N ILE A 259 0.76 24.93 -9.08
CA ILE A 259 0.53 23.66 -8.39
C ILE A 259 1.24 22.52 -9.12
N ILE A 260 1.09 22.46 -10.45
CA ILE A 260 1.82 21.46 -11.24
C ILE A 260 3.32 21.59 -11.00
N THR A 261 3.83 22.82 -11.07
CA THR A 261 5.26 23.06 -10.89
C THR A 261 5.76 22.55 -9.55
N PHE A 262 5.05 22.88 -8.46
CA PHE A 262 5.55 22.52 -7.15
C PHE A 262 5.36 21.03 -6.86
N LEU A 263 4.31 20.40 -7.40
CA LEU A 263 4.18 18.96 -7.22
C LEU A 263 5.34 18.21 -7.88
N ILE A 264 5.82 18.72 -9.02
CA ILE A 264 6.93 18.07 -9.71
C ILE A 264 8.27 18.48 -9.11
N ALA A 265 8.55 19.78 -9.12
CA ALA A 265 9.84 20.26 -8.63
C ALA A 265 10.00 20.08 -7.14
N GLY A 266 8.88 20.05 -6.42
CA GLY A 266 8.86 19.92 -4.97
C GLY A 266 9.07 18.54 -4.42
N HIS A 267 9.20 17.51 -5.27
CA HIS A 267 9.48 16.16 -4.79
C HIS A 267 10.52 15.39 -5.59
N GLU A 268 10.64 15.61 -6.90
CA GLU A 268 11.41 14.69 -7.73
C GLU A 268 12.91 14.79 -7.42
N THR A 269 13.42 16.01 -7.30
CA THR A 269 14.86 16.17 -7.05
C THR A 269 15.23 15.81 -5.62
N THR A 270 14.33 16.01 -4.65
CA THR A 270 14.63 15.63 -3.27
C THR A 270 14.68 14.11 -3.10
N SER A 271 13.82 13.38 -3.83
N SER A 271 13.80 13.39 -3.81
CA SER A 271 13.90 11.92 -3.79
CA SER A 271 13.89 11.93 -3.81
C SER A 271 15.22 11.43 -4.38
C SER A 271 15.24 11.47 -4.35
N GLY A 272 15.71 12.09 -5.43
CA GLY A 272 17.02 11.74 -5.95
C GLY A 272 18.13 12.02 -4.96
N LEU A 273 18.06 13.16 -4.28
CA LEU A 273 19.08 13.50 -3.28
C LEU A 273 19.13 12.46 -2.17
N LEU A 274 17.98 12.11 -1.60
CA LEU A 274 17.97 11.11 -0.54
C LEU A 274 18.50 9.77 -1.04
N SER A 275 18.17 9.40 -2.28
CA SER A 275 18.65 8.13 -2.83
C SER A 275 20.17 8.14 -2.98
N PHE A 276 20.72 9.23 -3.55
CA PHE A 276 22.17 9.31 -3.69
C PHE A 276 22.86 9.37 -2.33
N ALA A 277 22.26 10.08 -1.36
CA ALA A 277 22.89 10.18 -0.04
C ALA A 277 22.98 8.82 0.62
N LEU A 278 21.91 8.03 0.58
CA LEU A 278 21.98 6.70 1.19
C LEU A 278 22.97 5.82 0.44
N TYR A 279 23.03 5.97 -0.89
CA TYR A 279 24.03 5.23 -1.66
C TYR A 279 25.44 5.56 -1.15
N PHE A 280 25.78 6.83 -1.09
CA PHE A 280 27.13 7.16 -0.65
C PHE A 280 27.37 6.74 0.80
N LEU A 281 26.32 6.74 1.64
CA LEU A 281 26.54 6.36 3.03
C LEU A 281 26.86 4.87 3.15
N VAL A 282 26.13 4.00 2.45
CA VAL A 282 26.43 2.57 2.56
C VAL A 282 27.73 2.21 1.88
N LYS A 283 28.19 3.00 0.91
CA LYS A 283 29.49 2.78 0.30
C LYS A 283 30.64 3.38 1.11
N ASN A 284 30.35 4.17 2.14
CA ASN A 284 31.37 4.85 2.95
C ASN A 284 31.00 4.71 4.42
N PRO A 285 31.16 3.50 4.98
CA PRO A 285 30.63 3.23 6.33
C PRO A 285 31.20 4.11 7.42
N HIS A 286 32.42 4.63 7.25
CA HIS A 286 32.97 5.53 8.25
C HIS A 286 32.17 6.83 8.31
N VAL A 287 31.68 7.29 7.15
CA VAL A 287 30.82 8.48 7.11
C VAL A 287 29.46 8.17 7.71
N LEU A 288 28.89 7.02 7.37
CA LEU A 288 27.61 6.61 7.95
C LEU A 288 27.69 6.62 9.48
N GLN A 289 28.74 6.01 10.04
CA GLN A 289 28.88 5.95 11.49
C GLN A 289 28.91 7.35 12.10
N LYS A 290 29.67 8.27 11.50
CA LYS A 290 29.74 9.63 12.03
C LYS A 290 28.37 10.31 11.98
N ALA A 291 27.65 10.14 10.87
CA ALA A 291 26.30 10.71 10.76
C ALA A 291 25.35 10.04 11.74
N ALA A 292 25.45 8.72 11.90
CA ALA A 292 24.58 8.02 12.86
C ALA A 292 24.86 8.47 14.29
N GLU A 293 26.12 8.74 14.61
CA GLU A 293 26.45 9.21 15.94
C GLU A 293 25.80 10.56 16.22
N GLU A 294 25.80 11.45 15.22
CA GLU A 294 25.13 12.73 15.39
C GLU A 294 23.64 12.54 15.58
N ALA A 295 23.02 11.69 14.76
CA ALA A 295 21.59 11.46 14.87
C ALA A 295 21.21 10.95 16.26
N ALA A 296 21.99 10.01 16.80
CA ALA A 296 21.68 9.48 18.13
C ALA A 296 21.84 10.55 19.20
N ARG A 297 22.84 11.42 19.06
CA ARG A 297 23.09 12.44 20.09
C ARG A 297 22.04 13.55 20.06
N VAL A 298 21.54 13.89 18.87
CA VAL A 298 20.64 15.04 18.71
C VAL A 298 19.17 14.65 18.83
N LEU A 299 18.76 13.53 18.22
CA LEU A 299 17.36 13.14 18.17
C LEU A 299 16.98 12.33 19.42
N VAL A 300 16.87 13.05 20.54
CA VAL A 300 16.66 12.43 21.84
C VAL A 300 15.19 12.20 22.17
N ASP A 301 14.28 12.58 21.28
CA ASP A 301 12.84 12.44 21.50
C ASP A 301 12.25 11.47 20.47
N PRO A 302 11.11 10.86 20.78
CA PRO A 302 10.49 9.94 19.80
C PRO A 302 10.15 10.62 18.49
N VAL A 303 9.81 11.90 18.52
CA VAL A 303 9.49 12.69 17.35
C VAL A 303 10.52 13.81 17.25
N PRO A 304 11.20 14.00 16.12
CA PRO A 304 12.15 15.11 16.02
C PRO A 304 11.43 16.45 16.00
N SER A 305 12.05 17.44 16.63
CA SER A 305 11.55 18.81 16.59
C SER A 305 12.29 19.62 15.51
N TYR A 306 11.71 20.77 15.17
CA TYR A 306 12.36 21.67 14.23
C TYR A 306 13.75 22.07 14.72
N LYS A 307 13.87 22.43 16.00
CA LYS A 307 15.16 22.86 16.52
C LYS A 307 16.20 21.75 16.44
N GLN A 308 15.79 20.50 16.67
CA GLN A 308 16.72 19.39 16.62
C GLN A 308 17.22 19.15 15.20
N VAL A 309 16.34 19.28 14.19
CA VAL A 309 16.78 19.11 12.81
C VAL A 309 17.83 20.14 12.45
N LYS A 310 17.69 21.37 12.96
CA LYS A 310 18.66 22.43 12.69
C LYS A 310 20.03 22.11 13.28
N GLN A 311 20.11 21.16 14.22
CA GLN A 311 21.37 20.80 14.83
C GLN A 311 22.01 19.57 14.18
N LEU A 312 21.39 19.00 13.15
CA LEU A 312 21.96 17.87 12.43
C LEU A 312 22.93 18.41 11.37
N LYS A 313 24.02 19.00 11.87
CA LYS A 313 24.92 19.75 10.98
C LYS A 313 25.75 18.83 10.10
N TYR A 314 26.23 17.71 10.64
CA TYR A 314 26.96 16.76 9.81
C TYR A 314 26.04 16.11 8.78
N VAL A 315 24.80 15.76 9.17
CA VAL A 315 23.87 15.24 8.17
C VAL A 315 23.70 16.24 7.03
N GLY A 316 23.67 17.53 7.36
CA GLY A 316 23.58 18.55 6.31
C GLY A 316 24.78 18.55 5.39
N MET A 317 25.99 18.33 5.95
CA MET A 317 27.18 18.24 5.10
C MET A 317 27.14 17.01 4.21
N VAL A 318 26.62 15.89 4.73
CA VAL A 318 26.44 14.69 3.91
C VAL A 318 25.56 14.99 2.70
N LEU A 319 24.45 15.69 2.92
CA LEU A 319 23.55 16.02 1.83
C LEU A 319 24.22 16.94 0.81
N ASN A 320 24.99 17.93 1.27
CA ASN A 320 25.69 18.80 0.33
C ASN A 320 26.70 18.03 -0.50
N GLU A 321 27.42 17.09 0.13
CA GLU A 321 28.41 16.32 -0.62
C GLU A 321 27.74 15.37 -1.62
N ALA A 322 26.54 14.85 -1.31
CA ALA A 322 25.80 14.09 -2.31
C ALA A 322 25.33 14.98 -3.46
N LEU A 323 24.94 16.23 -3.17
CA LEU A 323 24.60 17.16 -4.24
C LEU A 323 25.84 17.59 -5.04
N ARG A 324 27.03 17.55 -4.44
CA ARG A 324 28.22 17.84 -5.22
C ARG A 324 28.43 16.78 -6.29
N LEU A 325 28.42 15.50 -5.89
CA LEU A 325 28.77 14.45 -6.85
C LEU A 325 27.65 14.19 -7.85
N TRP A 326 26.39 14.22 -7.43
CA TRP A 326 25.26 13.98 -8.34
C TRP A 326 24.15 14.96 -8.09
N PRO A 327 24.30 16.21 -8.56
CA PRO A 327 23.20 17.18 -8.45
C PRO A 327 22.00 16.72 -9.27
N THR A 328 20.84 16.63 -8.62
CA THR A 328 19.74 15.89 -9.23
C THR A 328 18.99 16.68 -10.29
N ALA A 329 19.11 18.03 -10.29
CA ALA A 329 18.73 18.85 -11.43
C ALA A 329 20.02 19.28 -12.12
N PRO A 330 20.48 18.52 -13.13
CA PRO A 330 21.92 18.52 -13.44
C PRO A 330 22.41 19.65 -14.36
N ALA A 331 21.54 20.55 -14.80
CA ALA A 331 21.97 21.64 -15.67
C ALA A 331 20.99 22.80 -15.54
N PHE A 332 21.49 24.00 -15.85
CA PHE A 332 20.64 25.15 -16.11
C PHE A 332 21.27 25.97 -17.23
N SER A 333 20.46 26.82 -17.85
CA SER A 333 20.81 27.52 -19.07
C SER A 333 20.77 29.03 -18.84
N LEU A 334 21.62 29.76 -19.57
CA LEU A 334 21.73 31.21 -19.46
C LEU A 334 21.84 31.82 -20.86
N TYR A 335 21.48 33.10 -20.98
CA TYR A 335 21.73 33.85 -22.21
C TYR A 335 22.39 35.19 -21.89
N ALA A 336 23.23 35.65 -22.82
CA ALA A 336 23.96 36.90 -22.60
C ALA A 336 23.04 38.11 -22.76
N LYS A 337 23.01 38.96 -21.74
CA LYS A 337 22.19 40.17 -21.77
C LYS A 337 22.75 41.22 -22.73
N GLU A 338 24.05 41.16 -23.00
CA GLU A 338 24.72 42.08 -23.92
C GLU A 338 25.94 41.37 -24.49
N ASP A 339 26.52 41.96 -25.54
CA ASP A 339 27.84 41.51 -25.97
C ASP A 339 28.79 41.48 -24.78
N THR A 340 29.56 40.41 -24.65
CA THR A 340 30.50 40.28 -23.54
C THR A 340 31.52 39.21 -23.89
N VAL A 341 32.62 39.19 -23.16
CA VAL A 341 33.71 38.24 -23.38
C VAL A 341 33.84 37.35 -22.15
N LEU A 342 33.80 36.04 -22.38
CA LEU A 342 33.89 35.06 -21.31
C LEU A 342 35.35 34.64 -21.13
N GLY A 343 35.85 34.78 -19.91
CA GLY A 343 37.19 34.32 -19.58
C GLY A 343 38.30 34.98 -20.36
N GLY A 344 38.07 36.19 -20.88
CA GLY A 344 39.06 36.86 -21.69
C GLY A 344 39.39 36.17 -22.98
N GLU A 345 38.61 35.15 -23.38
CA GLU A 345 39.00 34.31 -24.51
C GLU A 345 37.84 34.02 -25.46
N TYR A 346 36.60 34.06 -24.97
CA TYR A 346 35.45 33.61 -25.75
C TYR A 346 34.42 34.72 -25.90
N PRO A 347 34.45 35.47 -27.01
CA PRO A 347 33.47 36.53 -27.20
C PRO A 347 32.08 35.99 -27.49
N LEU A 348 31.09 36.59 -26.84
CA LEU A 348 29.70 36.26 -27.01
C LEU A 348 28.93 37.49 -27.46
N GLU A 349 27.92 37.28 -28.30
CA GLU A 349 27.00 38.32 -28.71
C GLU A 349 25.72 38.25 -27.87
N LYS A 350 25.08 39.41 -27.72
CA LYS A 350 23.79 39.49 -27.03
C LYS A 350 22.86 38.38 -27.50
N GLY A 351 22.29 37.65 -26.53
CA GLY A 351 21.39 36.56 -26.85
C GLY A 351 22.03 35.19 -26.94
N ASP A 352 23.36 35.11 -27.04
CA ASP A 352 24.05 33.83 -27.10
C ASP A 352 23.76 33.02 -25.83
N GLU A 353 23.59 31.71 -25.98
CA GLU A 353 23.20 30.82 -24.89
C GLU A 353 24.37 30.01 -24.33
N LEU A 354 24.23 29.64 -23.05
CA LEU A 354 25.17 28.80 -22.33
C LEU A 354 24.40 27.70 -21.62
N MET A 355 25.03 26.53 -21.46
CA MET A 355 24.55 25.49 -20.54
C MET A 355 25.58 25.28 -19.45
N VAL A 356 25.14 25.27 -18.19
CA VAL A 356 26.02 24.97 -17.05
C VAL A 356 25.86 23.48 -16.73
N LEU A 357 26.94 22.72 -16.90
CA LEU A 357 26.90 21.26 -16.69
C LEU A 357 27.34 20.98 -15.26
N ILE A 358 26.36 20.93 -14.34
CA ILE A 358 26.68 20.99 -12.91
C ILE A 358 27.52 19.81 -12.44
N PRO A 359 27.24 18.55 -12.82
CA PRO A 359 28.08 17.47 -12.29
C PRO A 359 29.54 17.63 -12.69
N GLN A 360 29.80 18.23 -13.85
CA GLN A 360 31.19 18.42 -14.27
C GLN A 360 31.84 19.60 -13.55
N LEU A 361 31.08 20.69 -13.35
CA LEU A 361 31.58 21.77 -12.49
C LEU A 361 32.04 21.24 -11.14
N HIS A 362 31.24 20.36 -10.55
CA HIS A 362 31.50 19.86 -9.21
C HIS A 362 32.64 18.85 -9.17
N ARG A 363 33.26 18.56 -10.32
CA ARG A 363 34.43 17.69 -10.40
C ARG A 363 35.67 18.48 -10.81
N ASP A 364 35.61 19.81 -10.74
CA ASP A 364 36.73 20.66 -11.13
C ASP A 364 37.88 20.45 -10.15
N LYS A 365 38.96 19.81 -10.61
CA LYS A 365 40.06 19.48 -9.70
C LYS A 365 40.79 20.71 -9.18
N THR A 366 40.75 21.83 -9.90
CA THR A 366 41.41 23.03 -9.39
C THR A 366 40.71 23.57 -8.16
N ILE A 367 39.45 23.21 -7.94
CA ILE A 367 38.69 23.64 -6.77
C ILE A 367 38.79 22.62 -5.65
N TRP A 368 38.49 21.36 -5.94
CA TRP A 368 38.29 20.37 -4.89
C TRP A 368 39.51 19.49 -4.61
N GLY A 369 40.52 19.52 -5.48
CA GLY A 369 41.70 18.71 -5.26
C GLY A 369 41.62 17.38 -5.99
N ASP A 370 42.69 16.59 -5.82
CA ASP A 370 42.77 15.33 -6.54
C ASP A 370 41.76 14.31 -6.04
N ASP A 371 41.29 14.43 -4.80
CA ASP A 371 40.36 13.44 -4.24
C ASP A 371 38.91 13.73 -4.62
N VAL A 372 38.70 14.30 -5.81
CA VAL A 372 37.40 14.88 -6.16
C VAL A 372 36.30 13.82 -6.27
N GLU A 373 36.65 12.57 -6.57
CA GLU A 373 35.63 11.54 -6.67
C GLU A 373 35.29 10.92 -5.32
N GLU A 374 36.05 11.21 -4.27
CA GLU A 374 35.77 10.68 -2.95
C GLU A 374 34.58 11.38 -2.29
N PHE A 375 33.86 10.65 -1.45
CA PHE A 375 32.75 11.20 -0.68
C PHE A 375 33.29 11.65 0.66
N ARG A 376 33.43 12.96 0.84
CA ARG A 376 34.02 13.54 2.06
C ARG A 376 33.21 14.76 2.49
N PRO A 377 32.19 14.57 3.32
CA PRO A 377 31.35 15.72 3.71
C PRO A 377 32.12 16.84 4.37
N GLU A 378 33.26 16.54 5.00
CA GLU A 378 34.05 17.57 5.67
C GLU A 378 34.53 18.66 4.71
N ARG A 379 34.43 18.45 3.40
CA ARG A 379 34.72 19.51 2.44
C ARG A 379 33.91 20.76 2.70
N PHE A 380 32.73 20.61 3.30
CA PHE A 380 31.81 21.72 3.49
C PHE A 380 31.89 22.33 4.89
N GLU A 381 32.95 22.02 5.64
CA GLU A 381 33.04 22.54 6.99
C GLU A 381 33.10 24.06 7.03
N ASN A 382 33.70 24.69 6.03
CA ASN A 382 33.89 26.13 6.02
C ASN A 382 33.53 26.72 4.66
N PRO A 383 32.30 27.23 4.50
CA PRO A 383 31.91 27.83 3.21
C PRO A 383 32.82 28.96 2.77
N SER A 384 33.51 29.64 3.69
CA SER A 384 34.40 30.72 3.29
C SER A 384 35.66 30.21 2.59
N ALA A 385 35.96 28.92 2.70
CA ALA A 385 37.11 28.32 2.03
C ALA A 385 36.78 27.78 0.65
N ILE A 386 35.53 27.89 0.21
CA ILE A 386 35.11 27.41 -1.11
C ILE A 386 35.02 28.61 -2.04
N PRO A 387 35.73 28.62 -3.17
CA PRO A 387 35.66 29.78 -4.07
C PRO A 387 34.24 30.06 -4.56
N GLN A 388 34.02 31.29 -5.01
CA GLN A 388 32.69 31.68 -5.46
C GLN A 388 32.22 30.79 -6.61
N HIS A 389 30.95 30.38 -6.56
CA HIS A 389 30.24 29.69 -7.64
C HIS A 389 30.86 28.34 -7.99
N ALA A 390 31.59 27.75 -7.05
CA ALA A 390 32.07 26.39 -7.22
C ALA A 390 30.97 25.35 -7.04
N PHE A 391 29.88 25.68 -6.35
CA PHE A 391 28.91 24.69 -5.88
C PHE A 391 27.52 25.26 -6.17
N LYS A 392 26.84 24.72 -7.21
CA LYS A 392 25.62 25.34 -7.73
C LYS A 392 24.47 24.34 -7.89
N PRO A 393 24.21 23.46 -6.93
CA PRO A 393 23.13 22.47 -7.12
C PRO A 393 21.74 23.08 -7.11
N HIS A 394 21.59 24.32 -6.65
N HIS A 394 21.60 24.33 -6.65
CA HIS A 394 20.28 24.96 -6.63
CA HIS A 394 20.33 25.03 -6.56
C HIS A 394 20.26 26.19 -7.55
C HIS A 394 20.16 26.10 -7.64
N GLY A 395 21.07 26.18 -8.61
CA GLY A 395 21.02 27.24 -9.59
C GLY A 395 21.68 28.52 -9.08
N ASN A 396 21.26 29.66 -9.65
CA ASN A 396 21.96 30.91 -9.45
C ASN A 396 21.04 32.12 -9.27
N GLY A 397 21.45 33.01 -8.37
CA GLY A 397 20.88 34.34 -8.31
C GLY A 397 19.41 34.37 -7.94
N GLN A 398 18.71 35.39 -8.45
CA GLN A 398 17.29 35.53 -8.19
C GLN A 398 16.49 34.39 -8.80
N ARG A 399 17.05 33.65 -9.76
CA ARG A 399 16.40 32.47 -10.33
C ARG A 399 16.90 31.18 -9.69
N ALA A 400 17.51 31.25 -8.51
CA ALA A 400 17.88 30.04 -7.79
C ALA A 400 16.63 29.33 -7.25
N CYS A 401 16.82 28.09 -6.80
CA CYS A 401 15.71 27.27 -6.33
C CYS A 401 14.98 27.93 -5.16
N ILE A 402 13.68 28.18 -5.32
CA ILE A 402 12.90 28.75 -4.23
C ILE A 402 12.66 27.73 -3.11
N GLY A 403 12.75 26.44 -3.42
CA GLY A 403 12.48 25.37 -2.46
C GLY A 403 13.68 24.82 -1.72
N GLN A 404 14.86 25.46 -1.84
CA GLN A 404 16.10 24.89 -1.29
C GLN A 404 15.97 24.57 0.19
N GLN A 405 15.40 25.49 0.98
CA GLN A 405 15.29 25.26 2.42
C GLN A 405 14.30 24.15 2.72
N PHE A 406 13.20 24.07 1.97
CA PHE A 406 12.22 22.99 2.13
C PHE A 406 12.88 21.64 1.88
N ALA A 407 13.58 21.51 0.76
CA ALA A 407 14.24 20.25 0.42
C ALA A 407 15.26 19.84 1.47
N LEU A 408 16.09 20.80 1.92
CA LEU A 408 17.13 20.42 2.86
C LEU A 408 16.56 20.12 4.25
N HIS A 409 15.49 20.80 4.65
CA HIS A 409 14.90 20.45 5.94
C HIS A 409 14.29 19.05 5.89
N GLU A 410 13.55 18.76 4.81
CA GLU A 410 12.94 17.43 4.68
C GLU A 410 14.01 16.34 4.64
N ALA A 411 15.03 16.52 3.80
CA ALA A 411 16.06 15.50 3.66
C ALA A 411 16.87 15.34 4.94
N THR A 412 17.16 16.43 5.64
CA THR A 412 17.90 16.29 6.90
C THR A 412 17.06 15.57 7.95
N LEU A 413 15.78 15.92 8.07
CA LEU A 413 14.89 15.23 8.99
C LEU A 413 14.84 13.73 8.71
N VAL A 414 14.56 13.38 7.46
CA VAL A 414 14.34 11.98 7.08
C VAL A 414 15.62 11.18 7.21
N LEU A 415 16.74 11.72 6.72
CA LEU A 415 17.99 10.98 6.83
C LEU A 415 18.41 10.81 8.29
N GLY A 416 18.15 11.84 9.12
CA GLY A 416 18.42 11.72 10.54
C GLY A 416 17.61 10.60 11.18
N MET A 417 16.31 10.53 10.87
CA MET A 417 15.49 9.48 11.45
C MET A 417 15.94 8.10 10.94
N MET A 418 16.30 8.01 9.65
CA MET A 418 16.77 6.73 9.12
C MET A 418 18.00 6.26 9.87
N LEU A 419 18.95 7.17 10.12
CA LEU A 419 20.18 6.80 10.81
C LEU A 419 19.96 6.55 12.29
N LYS A 420 18.93 7.15 12.89
CA LYS A 420 18.61 6.87 14.29
C LYS A 420 18.04 5.46 14.45
N HIS A 421 17.22 5.02 13.50
CA HIS A 421 16.38 3.86 13.74
C HIS A 421 16.90 2.57 13.10
N PHE A 422 17.85 2.64 12.16
CA PHE A 422 18.26 1.44 11.44
C PHE A 422 19.76 1.43 11.16
N ASP A 423 20.32 0.23 11.14
CA ASP A 423 21.57 -0.05 10.44
C ASP A 423 21.25 -0.49 9.01
N PHE A 424 22.17 -0.23 8.09
CA PHE A 424 21.93 -0.49 6.67
C PHE A 424 23.02 -1.39 6.09
N GLU A 425 22.63 -2.24 5.15
CA GLU A 425 23.53 -3.19 4.52
C GLU A 425 23.36 -3.13 3.01
N ASP A 426 24.47 -2.93 2.30
CA ASP A 426 24.53 -3.00 0.84
C ASP A 426 24.70 -4.46 0.43
N HIS A 427 23.59 -5.21 0.56
CA HIS A 427 23.68 -6.66 0.49
C HIS A 427 23.94 -7.20 -0.91
N THR A 428 23.69 -6.42 -1.96
CA THR A 428 23.96 -6.85 -3.33
C THR A 428 25.26 -6.28 -3.91
N ASN A 429 26.01 -5.50 -3.13
CA ASN A 429 27.15 -4.76 -3.65
C ASN A 429 26.75 -3.98 -4.90
N TYR A 430 25.76 -3.11 -4.71
CA TYR A 430 25.08 -2.46 -5.82
C TYR A 430 26.04 -1.63 -6.66
N GLU A 431 25.93 -1.78 -7.99
CA GLU A 431 26.68 -0.98 -8.95
C GLU A 431 25.83 0.20 -9.40
N LEU A 432 26.32 1.42 -9.16
CA LEU A 432 25.51 2.61 -9.42
C LEU A 432 25.09 2.68 -10.89
N ASP A 433 23.80 2.92 -11.10
CA ASP A 433 23.16 2.98 -12.41
C ASP A 433 22.23 4.18 -12.37
N ILE A 434 22.54 5.24 -13.10
CA ILE A 434 21.84 6.51 -12.95
C ILE A 434 20.82 6.65 -14.09
N LYS A 435 19.54 6.62 -13.74
CA LYS A 435 18.47 6.85 -14.71
C LYS A 435 18.24 8.34 -14.91
N GLU A 436 17.97 8.73 -16.15
CA GLU A 436 17.76 10.13 -16.51
C GLU A 436 16.32 10.35 -16.95
N THR A 437 15.68 11.33 -16.33
CA THR A 437 14.35 11.83 -16.69
C THR A 437 14.37 13.36 -16.71
N LEU A 438 15.36 13.90 -17.45
CA LEU A 438 15.85 15.26 -17.25
C LEU A 438 16.59 15.32 -15.90
N THR A 439 15.88 15.02 -14.81
CA THR A 439 16.51 14.84 -13.50
C THR A 439 17.29 13.51 -13.41
N LEU A 440 18.09 13.36 -12.34
CA LEU A 440 18.95 12.19 -12.14
C LEU A 440 18.55 11.43 -10.88
N LYS A 441 18.56 10.09 -10.96
CA LYS A 441 18.21 9.26 -9.81
C LYS A 441 18.81 7.88 -9.97
N PRO A 442 19.32 7.26 -8.89
CA PRO A 442 19.74 5.85 -9.00
C PRO A 442 18.56 4.98 -9.42
N GLU A 443 18.87 3.93 -10.18
CA GLU A 443 17.89 2.92 -10.56
C GLU A 443 18.34 1.58 -10.02
N GLY A 444 17.38 0.82 -9.48
CA GLY A 444 17.70 -0.52 -9.00
C GLY A 444 18.47 -0.58 -7.69
N PHE A 445 18.63 0.56 -7.01
CA PHE A 445 19.35 0.60 -5.74
C PHE A 445 18.49 -0.02 -4.63
N VAL A 446 19.00 -1.10 -4.02
CA VAL A 446 18.32 -1.80 -2.93
C VAL A 446 19.31 -1.97 -1.77
N VAL A 447 18.75 -2.03 -0.55
CA VAL A 447 19.52 -2.28 0.67
C VAL A 447 18.64 -3.08 1.63
N LYS A 448 19.26 -3.62 2.68
CA LYS A 448 18.53 -4.19 3.81
C LYS A 448 18.75 -3.31 5.04
N ALA A 449 17.69 -3.14 5.82
CA ALA A 449 17.75 -2.38 7.06
C ALA A 449 17.63 -3.33 8.24
N LYS A 450 18.45 -3.12 9.25
CA LYS A 450 18.38 -3.86 10.50
C LYS A 450 17.89 -2.88 11.57
N SER A 451 16.69 -3.13 12.10
CA SER A 451 16.13 -2.22 13.08
C SER A 451 16.99 -2.13 14.33
N LYS A 452 17.17 -0.91 14.83
CA LYS A 452 17.76 -0.70 16.14
C LYS A 452 16.73 -0.83 17.26
N LYS A 453 15.48 -1.10 16.90
CA LYS A 453 14.39 -1.34 17.86
C LYS A 453 14.22 -0.18 18.84
N ILE A 454 14.18 1.03 18.31
CA ILE A 454 13.97 2.25 19.08
C ILE A 454 12.56 2.75 18.82
N PRO A 455 11.70 2.84 19.84
CA PRO A 455 10.29 3.16 19.60
C PRO A 455 10.06 4.58 19.09
N LEU A 456 8.98 4.73 18.35
CA LEU A 456 8.53 6.03 17.86
C LEU A 456 7.47 6.65 18.79
N THR B 2 -45.76 -43.62 9.40
CA THR B 2 -44.77 -42.87 10.15
C THR B 2 -43.64 -42.38 9.23
N ILE B 3 -43.15 -43.28 8.38
CA ILE B 3 -42.09 -42.94 7.44
C ILE B 3 -42.67 -42.03 6.36
N LYS B 4 -42.08 -40.85 6.21
CA LYS B 4 -42.50 -39.87 5.23
C LYS B 4 -41.59 -39.91 4.01
N GLU B 5 -42.16 -39.54 2.86
CA GLU B 5 -41.36 -39.37 1.65
C GLU B 5 -40.83 -37.94 1.60
N MET B 6 -39.58 -37.81 1.26
CA MET B 6 -38.87 -36.54 1.27
C MET B 6 -39.10 -35.80 -0.03
N PRO B 7 -39.37 -34.49 -0.01
CA PRO B 7 -39.49 -33.75 -1.28
C PRO B 7 -38.13 -33.58 -1.94
N GLN B 8 -38.18 -33.20 -3.22
CA GLN B 8 -36.97 -33.10 -4.05
C GLN B 8 -37.20 -31.98 -5.07
N PRO B 9 -36.21 -31.08 -5.28
CA PRO B 9 -36.40 -30.02 -6.28
C PRO B 9 -36.35 -30.52 -7.71
N LYS B 10 -36.56 -29.61 -8.67
CA LYS B 10 -36.75 -29.99 -10.07
C LYS B 10 -35.50 -30.67 -10.63
N THR B 11 -35.72 -31.57 -11.59
CA THR B 11 -34.68 -32.40 -12.16
C THR B 11 -34.44 -32.09 -13.64
N PHE B 12 -33.30 -32.58 -14.12
CA PHE B 12 -32.79 -32.30 -15.46
C PHE B 12 -32.37 -33.62 -16.14
N GLY B 13 -33.33 -34.53 -16.26
CA GLY B 13 -33.02 -35.80 -16.90
C GLY B 13 -31.94 -36.56 -16.16
N GLU B 14 -31.00 -37.13 -16.92
CA GLU B 14 -29.92 -37.90 -16.31
C GLU B 14 -28.98 -37.07 -15.45
N LEU B 15 -29.01 -35.73 -15.56
CA LEU B 15 -28.20 -34.93 -14.65
C LEU B 15 -28.85 -34.72 -13.29
N LYS B 16 -30.09 -35.16 -13.12
CA LYS B 16 -30.81 -35.12 -11.84
C LYS B 16 -30.86 -33.68 -11.36
N ASN B 17 -30.42 -33.37 -10.13
CA ASN B 17 -30.50 -32.00 -9.62
C ASN B 17 -29.24 -31.19 -9.88
N LEU B 18 -28.21 -31.78 -10.50
CA LEU B 18 -26.91 -31.11 -10.54
C LEU B 18 -26.96 -29.73 -11.18
N PRO B 19 -27.72 -29.48 -12.26
CA PRO B 19 -27.72 -28.13 -12.85
C PRO B 19 -28.27 -27.04 -11.92
N LEU B 20 -28.93 -27.39 -10.83
CA LEU B 20 -29.34 -26.35 -9.88
C LEU B 20 -28.14 -25.65 -9.28
N LEU B 21 -26.97 -26.29 -9.31
CA LEU B 21 -25.75 -25.66 -8.80
C LEU B 21 -25.00 -24.88 -9.87
N ASN B 22 -25.51 -24.83 -11.10
CA ASN B 22 -24.86 -24.07 -12.17
C ASN B 22 -25.28 -22.60 -12.06
N THR B 23 -24.74 -21.94 -11.04
CA THR B 23 -25.05 -20.56 -10.71
C THR B 23 -23.87 -20.00 -9.92
N ASP B 24 -23.69 -18.67 -10.00
CA ASP B 24 -22.63 -18.08 -9.18
C ASP B 24 -23.01 -17.98 -7.71
N LYS B 25 -24.25 -18.31 -7.33
CA LYS B 25 -24.73 -18.17 -5.96
C LYS B 25 -25.46 -19.44 -5.55
N PRO B 26 -24.74 -20.55 -5.41
CA PRO B 26 -25.42 -21.84 -5.14
C PRO B 26 -26.01 -21.96 -3.75
N VAL B 27 -25.33 -21.46 -2.71
CA VAL B 27 -25.92 -21.52 -1.36
C VAL B 27 -27.22 -20.73 -1.33
N GLN B 28 -27.23 -19.55 -1.93
CA GLN B 28 -28.46 -18.78 -1.94
C GLN B 28 -29.56 -19.49 -2.75
N ALA B 29 -29.20 -20.19 -3.83
CA ALA B 29 -30.18 -20.99 -4.56
C ALA B 29 -30.75 -22.08 -3.67
N LEU B 30 -29.90 -22.75 -2.89
CA LEU B 30 -30.37 -23.81 -2.01
C LEU B 30 -31.27 -23.26 -0.90
N MET B 31 -30.98 -22.04 -0.42
CA MET B 31 -31.85 -21.42 0.57
C MET B 31 -33.26 -21.24 0.02
N LYS B 32 -33.37 -20.79 -1.23
CA LYS B 32 -34.69 -20.60 -1.84
C LYS B 32 -35.42 -21.92 -2.01
N ILE B 33 -34.69 -22.99 -2.37
CA ILE B 33 -35.32 -24.30 -2.45
C ILE B 33 -35.81 -24.74 -1.08
N ALA B 34 -35.02 -24.51 -0.03
CA ALA B 34 -35.46 -24.86 1.32
C ALA B 34 -36.71 -24.07 1.71
N ASP B 35 -36.79 -22.81 1.30
CA ASP B 35 -38.01 -22.04 1.59
C ASP B 35 -39.23 -22.67 0.92
N GLU B 36 -39.05 -23.22 -0.28
CA GLU B 36 -40.18 -23.83 -0.99
CA GLU B 36 -40.19 -23.83 -0.98
C GLU B 36 -40.52 -25.22 -0.43
N LEU B 37 -39.50 -26.01 -0.11
CA LEU B 37 -39.73 -27.42 0.20
C LEU B 37 -39.77 -27.76 1.68
N GLY B 38 -39.21 -26.93 2.56
CA GLY B 38 -39.30 -27.17 3.99
C GLY B 38 -38.02 -27.67 4.63
N GLU B 39 -38.19 -28.39 5.75
CA GLU B 39 -37.08 -28.68 6.65
C GLU B 39 -36.11 -29.72 6.11
N ILE B 40 -36.49 -30.47 5.08
CA ILE B 40 -35.62 -31.52 4.54
C ILE B 40 -35.95 -31.73 3.07
N PHE B 41 -34.91 -31.81 2.23
CA PHE B 41 -35.14 -32.24 0.86
C PHE B 41 -33.97 -33.07 0.36
N LYS B 42 -34.28 -33.99 -0.56
CA LYS B 42 -33.29 -34.85 -1.19
C LYS B 42 -32.67 -34.13 -2.38
N PHE B 43 -31.37 -34.32 -2.58
CA PHE B 43 -30.64 -33.71 -3.69
C PHE B 43 -29.76 -34.77 -4.33
N GLU B 44 -29.98 -35.02 -5.62
CA GLU B 44 -29.28 -36.07 -6.34
C GLU B 44 -28.42 -35.50 -7.45
N ALA B 45 -27.23 -36.06 -7.62
CA ALA B 45 -26.40 -35.85 -8.80
C ALA B 45 -26.02 -37.23 -9.31
N PRO B 46 -25.52 -37.33 -10.54
CA PRO B 46 -25.06 -38.64 -11.02
C PRO B 46 -24.08 -39.24 -10.03
N GLY B 47 -24.43 -40.40 -9.47
CA GLY B 47 -23.56 -41.10 -8.54
C GLY B 47 -23.60 -40.65 -7.10
N ARG B 48 -24.45 -39.70 -6.72
CA ARG B 48 -24.45 -39.22 -5.35
C ARG B 48 -25.83 -38.74 -4.91
N VAL B 49 -26.10 -38.90 -3.62
CA VAL B 49 -27.32 -38.37 -3.01
C VAL B 49 -26.96 -37.76 -1.66
N THR B 50 -27.61 -36.64 -1.34
CA THR B 50 -27.51 -36.04 -0.01
C THR B 50 -28.87 -35.49 0.37
N ARG B 51 -28.98 -35.04 1.62
CA ARG B 51 -30.22 -34.49 2.15
C ARG B 51 -29.93 -33.18 2.86
N TYR B 52 -30.60 -32.10 2.45
CA TYR B 52 -30.41 -30.78 3.02
C TYR B 52 -31.38 -30.54 4.18
N LEU B 53 -30.83 -30.17 5.33
CA LEU B 53 -31.60 -29.94 6.55
C LEU B 53 -31.65 -28.45 6.88
N SER B 54 -32.83 -27.99 7.32
CA SER B 54 -33.05 -26.58 7.58
C SER B 54 -33.73 -26.28 8.92
N SER B 55 -34.28 -27.27 9.62
CA SER B 55 -34.97 -27.02 10.88
C SER B 55 -34.11 -27.40 12.08
N GLN B 56 -34.30 -26.66 13.18
CA GLN B 56 -33.63 -27.03 14.44
C GLN B 56 -34.05 -28.42 14.90
N ARG B 57 -35.30 -28.80 14.64
CA ARG B 57 -35.79 -30.11 15.08
C ARG B 57 -34.92 -31.24 14.51
N LEU B 58 -34.59 -31.16 13.22
CA LEU B 58 -33.78 -32.21 12.60
C LEU B 58 -32.29 -31.98 12.80
N ILE B 59 -31.84 -30.72 12.78
CA ILE B 59 -30.40 -30.48 12.90
C ILE B 59 -29.91 -30.81 14.30
N LYS B 60 -30.75 -30.67 15.34
CA LYS B 60 -30.30 -31.10 16.67
C LYS B 60 -29.98 -32.59 16.70
N GLU B 61 -30.71 -33.42 15.94
CA GLU B 61 -30.38 -34.83 15.87
C GLU B 61 -29.12 -35.07 15.06
N ALA B 62 -28.96 -34.36 13.94
CA ALA B 62 -27.75 -34.49 13.14
C ALA B 62 -26.50 -34.14 13.95
N CYS B 63 -26.64 -33.30 14.97
CA CYS B 63 -25.52 -32.86 15.81
C CYS B 63 -25.24 -33.81 16.98
N ASP B 64 -25.95 -34.93 17.07
CA ASP B 64 -25.67 -35.97 18.05
C ASP B 64 -24.46 -36.77 17.59
N GLU B 65 -23.31 -36.56 18.25
CA GLU B 65 -22.05 -37.16 17.79
C GLU B 65 -22.02 -38.68 17.96
N SER B 66 -22.92 -39.26 18.75
CA SER B 66 -22.98 -40.72 18.80
C SER B 66 -23.65 -41.31 17.57
N ARG B 67 -24.35 -40.49 16.78
CA ARG B 67 -25.07 -40.95 15.61
C ARG B 67 -24.47 -40.48 14.30
N PHE B 68 -23.82 -39.32 14.28
CA PHE B 68 -23.32 -38.73 13.06
C PHE B 68 -21.94 -38.15 13.29
N ASP B 69 -21.07 -38.29 12.29
CA ASP B 69 -19.71 -37.75 12.30
C ASP B 69 -19.57 -36.76 11.14
N LYS B 70 -18.55 -35.90 11.23
CA LYS B 70 -18.27 -34.97 10.14
C LYS B 70 -17.99 -35.71 8.84
N ASN B 71 -18.62 -35.25 7.76
CA ASN B 71 -18.36 -35.73 6.40
C ASN B 71 -17.61 -34.65 5.64
N LEU B 72 -16.75 -35.06 4.70
CA LEU B 72 -16.19 -34.11 3.74
C LEU B 72 -17.17 -33.95 2.58
N SER B 73 -17.80 -32.79 2.50
CA SER B 73 -18.56 -32.40 1.31
C SER B 73 -17.66 -32.42 0.08
N GLN B 74 -18.27 -32.41 -1.10
CA GLN B 74 -17.46 -32.30 -2.31
C GLN B 74 -16.60 -31.04 -2.27
N ALA B 75 -17.16 -29.95 -1.73
CA ALA B 75 -16.40 -28.71 -1.62
C ALA B 75 -15.13 -28.92 -0.80
N LEU B 76 -15.25 -29.57 0.37
CA LEU B 76 -14.06 -29.80 1.19
C LEU B 76 -13.10 -30.78 0.54
N LYS B 77 -13.61 -31.77 -0.23
CA LYS B 77 -12.70 -32.66 -0.93
C LYS B 77 -11.88 -31.90 -1.96
N PHE B 78 -12.48 -30.89 -2.59
CA PHE B 78 -11.73 -30.07 -3.53
C PHE B 78 -10.75 -29.15 -2.81
N VAL B 79 -11.14 -28.61 -1.65
CA VAL B 79 -10.21 -27.80 -0.87
C VAL B 79 -9.05 -28.67 -0.37
N ARG B 80 -9.33 -29.95 -0.09
CA ARG B 80 -8.28 -30.85 0.36
C ARG B 80 -7.15 -30.98 -0.65
N ASP B 81 -7.39 -30.66 -1.92
CA ASP B 81 -6.30 -30.73 -2.90
C ASP B 81 -5.16 -29.78 -2.55
N PHE B 82 -5.42 -28.72 -1.77
CA PHE B 82 -4.32 -27.92 -1.24
C PHE B 82 -4.25 -27.88 0.29
N ALA B 83 -5.33 -28.20 1.01
CA ALA B 83 -5.31 -28.21 2.48
C ALA B 83 -5.03 -29.60 3.07
N GLY B 84 -5.01 -30.65 2.26
CA GLY B 84 -4.51 -31.95 2.70
C GLY B 84 -5.23 -32.49 3.92
N ASP B 85 -4.48 -33.09 4.84
CA ASP B 85 -5.07 -33.55 6.10
C ASP B 85 -4.82 -32.56 7.23
N GLY B 86 -4.90 -31.25 6.93
CA GLY B 86 -5.02 -30.24 7.96
C GLY B 86 -6.34 -30.41 8.71
N LEU B 87 -6.52 -29.59 9.76
CA LEU B 87 -7.63 -29.81 10.68
C LEU B 87 -8.98 -29.76 9.99
N ALA B 88 -9.16 -28.84 9.04
CA ALA B 88 -10.49 -28.63 8.47
C ALA B 88 -10.88 -29.67 7.43
N THR B 89 -9.91 -30.34 6.80
CA THR B 89 -10.22 -31.22 5.68
C THR B 89 -9.79 -32.66 5.95
N SER B 90 -9.52 -32.99 7.21
CA SER B 90 -9.23 -34.37 7.59
C SER B 90 -10.48 -35.07 8.12
N TRP B 91 -10.52 -36.39 7.95
CA TRP B 91 -11.58 -37.19 8.58
C TRP B 91 -11.27 -37.37 10.06
N THR B 92 -12.33 -37.50 10.86
CA THR B 92 -12.14 -37.64 12.30
C THR B 92 -11.28 -38.87 12.63
N HIS B 93 -11.34 -39.91 11.79
CA HIS B 93 -10.62 -41.16 12.04
C HIS B 93 -9.19 -41.16 11.51
N GLU B 94 -8.77 -40.13 10.78
CA GLU B 94 -7.36 -40.06 10.37
C GLU B 94 -6.50 -39.68 11.56
N LYS B 95 -5.36 -40.37 11.71
CA LYS B 95 -4.48 -40.15 12.85
C LYS B 95 -4.16 -38.67 13.03
N ASN B 96 -3.93 -37.95 11.93
CA ASN B 96 -3.49 -36.56 12.07
C ASN B 96 -4.58 -35.60 12.52
N TRP B 97 -5.86 -35.99 12.51
CA TRP B 97 -6.87 -35.07 13.03
C TRP B 97 -6.72 -34.90 14.55
N LYS B 98 -6.90 -35.99 15.31
CA LYS B 98 -6.85 -35.85 16.76
C LYS B 98 -5.47 -35.40 17.22
N LYS B 99 -4.42 -35.86 16.54
CA LYS B 99 -3.06 -35.47 16.90
C LYS B 99 -2.89 -33.96 16.81
N ALA B 100 -3.25 -33.38 15.66
CA ALA B 100 -3.11 -31.93 15.50
C ALA B 100 -4.10 -31.17 16.39
N HIS B 101 -5.29 -31.72 16.59
CA HIS B 101 -6.25 -31.09 17.49
C HIS B 101 -5.67 -30.97 18.90
N ASN B 102 -5.08 -32.05 19.41
CA ASN B 102 -4.50 -32.01 20.75
C ASN B 102 -3.34 -31.03 20.83
N ILE B 103 -2.54 -30.94 19.77
CA ILE B 103 -1.36 -30.09 19.82
C ILE B 103 -1.73 -28.61 19.73
N LEU B 104 -2.74 -28.28 18.93
CA LEU B 104 -3.05 -26.88 18.63
C LEU B 104 -4.15 -26.27 19.50
N LEU B 105 -4.98 -27.07 20.15
CA LEU B 105 -6.04 -26.48 20.97
C LEU B 105 -5.52 -25.50 22.02
N PRO B 106 -4.39 -25.76 22.71
CA PRO B 106 -3.88 -24.77 23.67
C PRO B 106 -3.55 -23.43 23.04
N SER B 107 -3.30 -23.37 21.73
CA SER B 107 -3.04 -22.10 21.05
C SER B 107 -4.27 -21.21 20.98
N PHE B 108 -5.41 -21.70 21.45
CA PHE B 108 -6.63 -20.91 21.44
C PHE B 108 -7.25 -20.83 22.82
N SER B 109 -6.42 -20.91 23.86
CA SER B 109 -6.85 -20.70 25.24
C SER B 109 -6.90 -19.21 25.58
N GLN B 110 -7.52 -18.89 26.70
CA GLN B 110 -7.59 -17.48 27.12
C GLN B 110 -6.20 -16.90 27.29
N GLN B 111 -5.28 -17.64 27.92
CA GLN B 111 -3.92 -17.15 28.06
C GLN B 111 -3.30 -16.86 26.70
N ALA B 112 -3.59 -17.71 25.71
CA ALA B 112 -3.14 -17.46 24.35
C ALA B 112 -3.76 -16.19 23.78
N MET B 113 -5.08 -16.01 23.99
CA MET B 113 -5.76 -14.84 23.44
C MET B 113 -5.23 -13.55 24.05
N LYS B 114 -4.99 -13.54 25.37
CA LYS B 114 -4.31 -12.40 25.96
C LYS B 114 -2.97 -12.14 25.30
N GLY B 115 -2.29 -13.20 24.89
CA GLY B 115 -1.00 -13.06 24.24
C GLY B 115 -1.08 -12.57 22.79
N TYR B 116 -2.19 -12.87 22.10
CA TYR B 116 -2.37 -12.38 20.72
C TYR B 116 -2.83 -10.92 20.67
N HIS B 117 -3.38 -10.42 21.78
CA HIS B 117 -4.10 -9.15 21.75
C HIS B 117 -3.27 -8.00 21.20
N ALA B 118 -2.01 -7.87 21.64
CA ALA B 118 -1.21 -6.72 21.24
C ALA B 118 -0.99 -6.70 19.72
N MET B 119 -0.77 -7.86 19.11
CA MET B 119 -0.58 -7.92 17.67
CA MET B 119 -0.56 -7.85 17.67
C MET B 119 -1.88 -7.68 16.91
N MET B 120 -3.01 -8.10 17.49
CA MET B 120 -4.28 -7.72 16.87
C MET B 120 -4.43 -6.20 16.84
N VAL B 121 -4.08 -5.51 17.94
CA VAL B 121 -4.18 -4.05 17.99
C VAL B 121 -3.26 -3.42 16.93
N ASP B 122 -2.07 -3.99 16.74
CA ASP B 122 -1.14 -3.49 15.72
C ASP B 122 -1.83 -3.35 14.36
N ILE B 123 -2.52 -4.40 13.92
CA ILE B 123 -3.16 -4.38 12.61
C ILE B 123 -4.40 -3.49 12.63
N ALA B 124 -5.17 -3.54 13.71
CA ALA B 124 -6.35 -2.68 13.82
C ALA B 124 -5.98 -1.21 13.74
N VAL B 125 -4.86 -0.83 14.35
CA VAL B 125 -4.43 0.56 14.28
C VAL B 125 -4.05 0.94 12.85
N GLN B 126 -3.44 0.01 12.10
CA GLN B 126 -3.15 0.30 10.69
C GLN B 126 -4.43 0.54 9.91
N LEU B 127 -5.50 -0.19 10.21
CA LEU B 127 -6.78 0.04 9.55
C LEU B 127 -7.32 1.43 9.87
N VAL B 128 -7.37 1.78 11.16
CA VAL B 128 -7.88 3.10 11.55
C VAL B 128 -7.06 4.21 10.89
N GLN B 129 -5.73 4.06 10.86
CA GLN B 129 -4.92 5.13 10.27
C GLN B 129 -5.16 5.24 8.77
N LYS B 130 -5.37 4.13 8.07
CA LYS B 130 -5.67 4.22 6.65
C LYS B 130 -6.91 5.09 6.43
N TRP B 131 -7.97 4.83 7.19
CA TRP B 131 -9.21 5.57 7.01
C TRP B 131 -9.09 7.01 7.48
N GLU B 132 -8.30 7.28 8.54
CA GLU B 132 -8.07 8.68 8.95
C GLU B 132 -7.37 9.47 7.86
N ARG B 133 -6.59 8.82 7.00
CA ARG B 133 -5.78 9.52 6.02
C ARG B 133 -6.45 9.66 4.67
N LEU B 134 -7.70 9.23 4.53
CA LEU B 134 -8.40 9.43 3.26
C LEU B 134 -8.73 10.91 3.06
N ASN B 135 -8.76 11.34 1.79
CA ASN B 135 -9.12 12.71 1.45
C ASN B 135 -10.63 12.88 1.38
N ALA B 136 -11.05 14.15 1.27
CA ALA B 136 -12.47 14.48 1.20
C ALA B 136 -13.17 13.65 0.15
N ASP B 137 -14.29 13.04 0.56
CA ASP B 137 -15.22 12.32 -0.29
C ASP B 137 -14.62 11.10 -0.98
N GLU B 138 -13.42 10.67 -0.60
CA GLU B 138 -13.01 9.31 -0.94
C GLU B 138 -13.84 8.32 -0.12
N HIS B 139 -13.92 7.09 -0.60
CA HIS B 139 -14.73 6.09 0.08
C HIS B 139 -13.89 4.88 0.47
N ILE B 140 -14.53 3.97 1.19
CA ILE B 140 -13.91 2.75 1.72
C ILE B 140 -14.50 1.56 0.98
N GLU B 141 -13.64 0.68 0.48
CA GLU B 141 -14.06 -0.62 -0.06
C GLU B 141 -14.04 -1.61 1.09
N VAL B 142 -15.21 -1.96 1.60
CA VAL B 142 -15.30 -2.60 2.93
C VAL B 142 -14.73 -4.02 2.92
N PRO B 143 -15.24 -4.96 2.11
CA PRO B 143 -14.68 -6.31 2.17
C PRO B 143 -13.21 -6.37 1.83
N GLU B 144 -12.77 -5.49 0.93
CA GLU B 144 -11.36 -5.44 0.57
C GLU B 144 -10.49 -5.08 1.77
N ASP B 145 -10.88 -4.04 2.51
CA ASP B 145 -10.11 -3.62 3.67
C ASP B 145 -10.27 -4.59 4.85
N MET B 146 -11.44 -5.24 4.97
CA MET B 146 -11.57 -6.24 6.02
C MET B 146 -10.67 -7.44 5.76
N THR B 147 -10.47 -7.81 4.50
CA THR B 147 -9.56 -8.91 4.16
C THR B 147 -8.11 -8.51 4.38
N ARG B 148 -7.76 -7.25 4.08
CA ARG B 148 -6.43 -6.77 4.45
C ARG B 148 -6.19 -6.97 5.95
N LEU B 149 -7.18 -6.59 6.77
CA LEU B 149 -7.01 -6.69 8.21
C LEU B 149 -6.91 -8.13 8.68
N THR B 150 -7.86 -8.99 8.28
CA THR B 150 -7.87 -10.32 8.89
C THR B 150 -6.72 -11.19 8.40
N LEU B 151 -6.30 -11.05 7.14
CA LEU B 151 -5.13 -11.80 6.70
C LEU B 151 -3.89 -11.38 7.49
N ASP B 152 -3.69 -10.07 7.66
CA ASP B 152 -2.52 -9.60 8.39
C ASP B 152 -2.57 -10.04 9.86
N THR B 153 -3.78 -10.11 10.43
CA THR B 153 -3.88 -10.52 11.83
C THR B 153 -3.48 -11.98 12.03
N ILE B 154 -3.99 -12.88 11.20
CA ILE B 154 -3.60 -14.27 11.40
C ILE B 154 -2.13 -14.46 11.05
N GLY B 155 -1.62 -13.74 10.05
CA GLY B 155 -0.20 -13.83 9.73
C GLY B 155 0.69 -13.40 10.89
N LEU B 156 0.37 -12.27 11.51
CA LEU B 156 1.21 -11.75 12.58
C LEU B 156 1.02 -12.53 13.88
N CYS B 157 -0.24 -12.69 14.31
CA CYS B 157 -0.51 -13.42 15.55
C CYS B 157 -0.09 -14.88 15.44
N GLY B 158 -0.40 -15.52 14.33
CA GLY B 158 -0.17 -16.94 14.21
C GLY B 158 1.27 -17.29 13.87
N PHE B 159 1.92 -16.46 13.06
CA PHE B 159 3.17 -16.86 12.44
C PHE B 159 4.26 -15.81 12.53
N ASN B 160 4.02 -14.71 13.23
CA ASN B 160 4.98 -13.60 13.31
C ASN B 160 5.49 -13.21 11.92
N TYR B 161 4.57 -13.20 10.95
CA TYR B 161 4.89 -12.83 9.58
C TYR B 161 4.00 -11.67 9.14
N ARG B 162 4.58 -10.63 8.54
CA ARG B 162 3.81 -9.45 8.13
C ARG B 162 3.51 -9.51 6.63
N PHE B 163 2.24 -9.72 6.29
CA PHE B 163 1.81 -9.63 4.89
C PHE B 163 1.80 -8.20 4.39
N ASN B 164 1.74 -7.22 5.29
CA ASN B 164 1.76 -5.80 4.94
C ASN B 164 0.72 -5.47 3.88
N SER B 165 -0.51 -5.95 4.12
CA SER B 165 -1.60 -5.76 3.16
C SER B 165 -1.99 -4.30 3.01
N PHE B 166 -1.78 -3.48 4.04
CA PHE B 166 -2.15 -2.08 3.95
C PHE B 166 -1.11 -1.27 3.20
N TYR B 167 0.00 -1.89 2.81
CA TYR B 167 0.97 -1.24 1.93
C TYR B 167 0.73 -1.55 0.46
N ARG B 168 -0.41 -2.19 0.14
CA ARG B 168 -0.73 -2.58 -1.23
C ARG B 168 -2.10 -2.01 -1.62
N ASP B 169 -2.18 -1.43 -2.82
CA ASP B 169 -3.47 -0.98 -3.34
C ASP B 169 -4.23 -2.10 -4.06
N GLN B 170 -3.55 -3.18 -4.41
CA GLN B 170 -4.14 -4.38 -4.95
C GLN B 170 -4.22 -5.45 -3.87
N PRO B 171 -5.02 -6.50 -4.08
CA PRO B 171 -5.00 -7.62 -3.14
C PRO B 171 -3.62 -8.24 -3.06
N HIS B 172 -3.29 -8.73 -1.87
CA HIS B 172 -2.05 -9.48 -1.70
C HIS B 172 -2.06 -10.69 -2.63
N PRO B 173 -0.91 -11.07 -3.21
CA PRO B 173 -0.91 -12.20 -4.16
C PRO B 173 -1.47 -13.50 -3.58
N PHE B 174 -1.24 -13.76 -2.29
CA PHE B 174 -1.86 -14.93 -1.68
C PHE B 174 -3.38 -14.85 -1.82
N ILE B 175 -3.95 -13.66 -1.65
CA ILE B 175 -5.40 -13.50 -1.70
C ILE B 175 -5.92 -13.77 -3.10
N THR B 176 -5.25 -13.22 -4.12
CA THR B 176 -5.66 -13.46 -5.50
C THR B 176 -5.71 -14.95 -5.81
N SER B 177 -4.66 -15.68 -5.42
CA SER B 177 -4.62 -17.11 -5.72
C SER B 177 -5.63 -17.89 -4.88
N MET B 178 -5.78 -17.55 -3.59
CA MET B 178 -6.75 -18.25 -2.75
C MET B 178 -8.16 -18.06 -3.27
N VAL B 179 -8.53 -16.84 -3.61
CA VAL B 179 -9.89 -16.59 -4.09
C VAL B 179 -10.15 -17.37 -5.38
N ARG B 180 -9.16 -17.39 -6.29
CA ARG B 180 -9.33 -18.11 -7.53
C ARG B 180 -9.41 -19.62 -7.29
N ALA B 181 -8.72 -20.12 -6.26
CA ALA B 181 -8.80 -21.54 -5.95
C ALA B 181 -10.16 -21.89 -5.35
N LEU B 182 -10.66 -21.06 -4.43
CA LEU B 182 -12.00 -21.28 -3.90
C LEU B 182 -13.06 -21.16 -5.01
N ASP B 183 -12.90 -20.17 -5.89
CA ASP B 183 -13.77 -20.06 -7.06
C ASP B 183 -13.79 -21.36 -7.84
N GLU B 184 -12.60 -21.89 -8.13
CA GLU B 184 -12.50 -23.10 -8.93
C GLU B 184 -13.19 -24.26 -8.22
N ALA B 185 -12.98 -24.39 -6.91
CA ALA B 185 -13.62 -25.48 -6.17
C ALA B 185 -15.14 -25.37 -6.24
N MET B 186 -15.68 -24.15 -6.12
CA MET B 186 -17.13 -24.01 -6.20
C MET B 186 -17.65 -24.30 -7.60
N ASN B 187 -16.94 -23.80 -8.64
CA ASN B 187 -17.39 -24.05 -10.01
C ASN B 187 -17.26 -25.53 -10.38
N LYS B 188 -16.27 -26.23 -9.84
CA LYS B 188 -16.13 -27.65 -10.11
C LYS B 188 -17.32 -28.45 -9.62
N LEU B 189 -18.01 -27.97 -8.58
CA LEU B 189 -19.10 -28.74 -7.99
C LEU B 189 -20.18 -29.08 -9.01
N GLN B 190 -20.38 -28.24 -10.00
CA GLN B 190 -21.50 -28.39 -10.91
C GLN B 190 -21.11 -28.96 -12.27
N ARG B 191 -19.83 -29.30 -12.49
CA ARG B 191 -19.39 -29.77 -13.79
C ARG B 191 -19.81 -31.23 -13.99
N ALA B 192 -20.72 -31.47 -14.93
CA ALA B 192 -21.15 -32.84 -15.23
C ALA B 192 -20.02 -33.66 -15.85
N ASN B 193 -19.13 -33.03 -16.61
N ASN B 193 -19.10 -33.01 -16.57
CA ASN B 193 -17.98 -33.71 -17.20
CA ASN B 193 -17.98 -33.68 -17.22
C ASN B 193 -16.72 -32.92 -16.83
C ASN B 193 -16.70 -32.93 -16.86
N PRO B 194 -16.15 -33.17 -15.66
CA PRO B 194 -14.97 -32.40 -15.24
C PRO B 194 -13.77 -32.54 -16.16
N ASP B 195 -13.70 -33.59 -16.98
CA ASP B 195 -12.56 -33.78 -17.86
C ASP B 195 -12.79 -33.23 -19.26
N ASP B 196 -13.90 -32.52 -19.47
CA ASP B 196 -14.10 -31.81 -20.72
C ASP B 196 -12.91 -30.89 -20.99
N PRO B 197 -12.37 -30.87 -22.21
CA PRO B 197 -11.21 -30.01 -22.49
C PRO B 197 -11.47 -28.54 -22.20
N ALA B 198 -12.74 -28.12 -22.14
CA ALA B 198 -13.05 -26.74 -21.78
C ALA B 198 -12.46 -26.34 -20.43
N TYR B 199 -12.14 -27.31 -19.57
CA TYR B 199 -11.62 -27.03 -18.24
C TYR B 199 -10.12 -27.24 -18.13
N ASP B 200 -9.43 -27.53 -19.24
CA ASP B 200 -7.99 -27.73 -19.20
C ASP B 200 -7.28 -26.51 -18.60
N GLU B 201 -7.68 -25.31 -19.03
CA GLU B 201 -7.03 -24.10 -18.53
C GLU B 201 -7.38 -23.85 -17.06
N ASN B 202 -8.63 -24.08 -16.66
CA ASN B 202 -8.97 -23.96 -15.24
C ASN B 202 -8.06 -24.83 -14.39
N LYS B 203 -7.74 -26.04 -14.87
CA LYS B 203 -6.92 -26.95 -14.10
C LYS B 203 -5.48 -26.45 -14.02
N ARG B 204 -4.95 -25.94 -15.14
CA ARG B 204 -3.62 -25.34 -15.12
C ARG B 204 -3.56 -24.17 -14.16
N GLN B 205 -4.58 -23.31 -14.17
CA GLN B 205 -4.60 -22.17 -13.27
C GLN B 205 -4.74 -22.60 -11.81
N PHE B 206 -5.51 -23.66 -11.56
CA PHE B 206 -5.66 -24.18 -10.20
C PHE B 206 -4.30 -24.63 -9.66
N GLN B 207 -3.54 -25.38 -10.46
CA GLN B 207 -2.24 -25.82 -10.00
C GLN B 207 -1.31 -24.63 -9.76
N GLU B 208 -1.43 -23.60 -10.60
CA GLU B 208 -0.60 -22.42 -10.42
C GLU B 208 -0.93 -21.71 -9.12
N ASP B 209 -2.24 -21.58 -8.81
CA ASP B 209 -2.64 -20.93 -7.58
C ASP B 209 -2.22 -21.76 -6.36
N ILE B 210 -2.23 -23.08 -6.46
CA ILE B 210 -1.75 -23.90 -5.35
C ILE B 210 -0.26 -23.65 -5.10
N LYS B 211 0.50 -23.45 -6.19
CA LYS B 211 1.93 -23.19 -6.02
C LYS B 211 2.17 -21.83 -5.36
N VAL B 212 1.38 -20.81 -5.72
CA VAL B 212 1.52 -19.50 -5.07
C VAL B 212 1.31 -19.62 -3.57
N MET B 213 0.27 -20.35 -3.17
CA MET B 213 0.03 -20.51 -1.74
C MET B 213 1.18 -21.26 -1.07
N ASN B 214 1.70 -22.31 -1.72
CA ASN B 214 2.79 -23.06 -1.10
C ASN B 214 4.09 -22.27 -1.08
N ASP B 215 4.32 -21.39 -2.07
CA ASP B 215 5.51 -20.56 -2.01
C ASP B 215 5.51 -19.68 -0.77
N LEU B 216 4.35 -19.13 -0.41
CA LEU B 216 4.26 -18.29 0.78
C LEU B 216 4.47 -19.12 2.06
N VAL B 217 3.91 -20.33 2.11
CA VAL B 217 4.18 -21.22 3.23
C VAL B 217 5.69 -21.45 3.37
N ASP B 218 6.39 -21.59 2.24
CA ASP B 218 7.83 -21.76 2.29
C ASP B 218 8.51 -20.58 2.97
N LYS B 219 8.09 -19.36 2.62
CA LYS B 219 8.69 -18.17 3.21
C LYS B 219 8.44 -18.10 4.72
N ILE B 220 7.23 -18.45 5.15
CA ILE B 220 6.93 -18.42 6.58
C ILE B 220 7.79 -19.41 7.34
N ILE B 221 7.98 -20.61 6.79
CA ILE B 221 8.78 -21.61 7.48
C ILE B 221 10.24 -21.18 7.54
N ALA B 222 10.75 -20.64 6.43
CA ALA B 222 12.14 -20.17 6.40
C ALA B 222 12.36 -19.01 7.35
N ASP B 223 11.40 -18.08 7.41
CA ASP B 223 11.49 -16.94 8.34
C ASP B 223 11.64 -17.41 9.77
N ARG B 224 10.80 -18.37 10.19
CA ARG B 224 10.88 -18.86 11.56
C ARG B 224 12.16 -19.64 11.82
N LYS B 225 12.58 -20.49 10.86
CA LYS B 225 13.80 -21.26 11.06
C LYS B 225 15.02 -20.36 11.19
N ALA B 226 15.01 -19.20 10.52
CA ALA B 226 16.11 -18.25 10.58
C ALA B 226 15.96 -17.23 11.70
N SER B 227 14.82 -17.23 12.40
CA SER B 227 14.53 -16.21 13.40
C SER B 227 15.32 -16.49 14.66
N GLY B 228 16.34 -15.68 14.93
CA GLY B 228 17.00 -15.72 16.23
C GLY B 228 16.07 -15.30 17.34
N GLU B 229 15.12 -14.42 17.04
CA GLU B 229 14.06 -14.07 17.98
C GLU B 229 13.19 -15.29 18.26
N GLN B 230 12.95 -15.56 19.54
CA GLN B 230 12.10 -16.67 19.93
C GLN B 230 10.65 -16.22 20.04
N SER B 231 9.73 -17.05 19.56
CA SER B 231 8.30 -16.77 19.60
C SER B 231 7.59 -17.85 20.41
N ASP B 232 6.31 -17.59 20.71
CA ASP B 232 5.46 -18.55 21.41
C ASP B 232 4.04 -18.42 20.83
N ASP B 233 3.89 -18.75 19.55
CA ASP B 233 2.63 -18.56 18.84
C ASP B 233 2.16 -19.87 18.22
N LEU B 234 1.18 -19.77 17.32
CA LEU B 234 0.62 -20.96 16.68
C LEU B 234 1.72 -21.77 15.97
N LEU B 235 2.61 -21.10 15.26
CA LEU B 235 3.69 -21.81 14.57
C LEU B 235 4.63 -22.49 15.55
N THR B 236 4.86 -21.87 16.71
CA THR B 236 5.69 -22.50 17.72
C THR B 236 5.12 -23.85 18.13
N HIS B 237 3.81 -23.91 18.38
CA HIS B 237 3.18 -25.16 18.74
C HIS B 237 3.22 -26.16 17.59
N MET B 238 3.01 -25.70 16.35
CA MET B 238 3.12 -26.61 15.21
C MET B 238 4.48 -27.29 15.16
N LEU B 239 5.54 -26.52 15.39
CA LEU B 239 6.89 -27.03 15.22
C LEU B 239 7.40 -27.82 16.43
N ASN B 240 6.90 -27.53 17.62
CA ASN B 240 7.50 -28.07 18.84
C ASN B 240 6.56 -28.88 19.72
N GLY B 241 5.24 -28.67 19.64
CA GLY B 241 4.34 -29.33 20.56
C GLY B 241 4.20 -30.82 20.31
N LYS B 242 4.01 -31.57 21.40
CA LYS B 242 3.81 -33.01 21.36
C LYS B 242 2.38 -33.36 21.74
N ASP B 243 1.79 -34.28 20.99
CA ASP B 243 0.46 -34.80 21.29
C ASP B 243 0.56 -35.70 22.52
N PRO B 244 -0.15 -35.41 23.60
CA PRO B 244 -0.06 -36.29 24.78
C PRO B 244 -0.46 -37.72 24.51
N GLU B 245 -1.36 -37.97 23.56
CA GLU B 245 -1.83 -39.33 23.28
C GLU B 245 -0.76 -40.15 22.58
N THR B 246 -0.41 -39.79 21.34
CA THR B 246 0.63 -40.52 20.62
C THR B 246 2.02 -40.22 21.14
N GLY B 247 2.22 -39.09 21.82
CA GLY B 247 3.53 -38.59 22.21
C GLY B 247 4.33 -37.96 21.08
N GLU B 248 3.74 -37.82 19.86
CA GLU B 248 4.44 -37.36 18.65
C GLU B 248 4.18 -35.88 18.38
N PRO B 249 5.15 -35.20 17.77
CA PRO B 249 4.89 -33.90 17.15
C PRO B 249 4.37 -34.09 15.74
N LEU B 250 3.86 -33.00 15.15
CA LEU B 250 3.45 -33.04 13.76
C LEU B 250 4.68 -33.22 12.85
N ASP B 251 4.48 -33.92 11.72
CA ASP B 251 5.56 -34.02 10.74
C ASP B 251 5.51 -32.85 9.76
N ASP B 252 6.58 -32.73 8.96
CA ASP B 252 6.74 -31.55 8.12
C ASP B 252 5.62 -31.43 7.10
N GLU B 253 5.19 -32.55 6.51
CA GLU B 253 4.13 -32.49 5.51
C GLU B 253 2.84 -31.96 6.12
N ASN B 254 2.45 -32.48 7.29
CA ASN B 254 1.22 -32.03 7.91
C ASN B 254 1.33 -30.57 8.37
N ILE B 255 2.50 -30.15 8.82
CA ILE B 255 2.68 -28.74 9.20
C ILE B 255 2.35 -27.82 8.02
N ARG B 256 2.84 -28.16 6.82
CA ARG B 256 2.56 -27.30 5.67
C ARG B 256 1.06 -27.20 5.43
N TYR B 257 0.34 -28.31 5.57
CA TYR B 257 -1.11 -28.28 5.38
C TYR B 257 -1.80 -27.45 6.46
N GLN B 258 -1.30 -27.51 7.71
CA GLN B 258 -1.91 -26.70 8.75
C GLN B 258 -1.71 -25.22 8.49
N ILE B 259 -0.54 -24.83 8.00
CA ILE B 259 -0.29 -23.41 7.74
C ILE B 259 -1.25 -22.91 6.66
N ILE B 260 -1.39 -23.67 5.56
CA ILE B 260 -2.35 -23.29 4.53
C ILE B 260 -3.75 -23.20 5.14
N THR B 261 -4.13 -24.19 5.95
CA THR B 261 -5.46 -24.23 6.54
C THR B 261 -5.72 -22.98 7.38
N PHE B 262 -4.79 -22.63 8.27
CA PHE B 262 -5.02 -21.50 9.15
C PHE B 262 -4.93 -20.17 8.42
N LEU B 263 -4.11 -20.07 7.36
CA LEU B 263 -4.08 -18.82 6.62
C LEU B 263 -5.42 -18.56 5.93
N ILE B 264 -6.11 -19.61 5.49
CA ILE B 264 -7.38 -19.48 4.81
C ILE B 264 -8.53 -19.40 5.81
N ALA B 265 -8.71 -20.46 6.59
CA ALA B 265 -9.82 -20.45 7.55
C ALA B 265 -9.63 -19.40 8.63
N GLY B 266 -8.39 -18.99 8.90
CA GLY B 266 -8.13 -18.00 9.92
C GLY B 266 -8.32 -16.54 9.53
N HIS B 267 -8.74 -16.24 8.31
CA HIS B 267 -9.03 -14.86 7.93
C HIS B 267 -10.28 -14.68 7.06
N GLU B 268 -10.60 -15.63 6.19
CA GLU B 268 -11.61 -15.38 5.16
C GLU B 268 -12.99 -15.19 5.77
N THR B 269 -13.38 -16.10 6.66
CA THR B 269 -14.71 -16.00 7.25
C THR B 269 -14.84 -14.81 8.20
N THR B 270 -13.74 -14.41 8.85
CA THR B 270 -13.80 -13.25 9.74
C THR B 270 -13.93 -11.96 8.94
N SER B 271 -13.26 -11.88 7.79
CA SER B 271 -13.47 -10.73 6.92
C SER B 271 -14.92 -10.65 6.47
N GLY B 272 -15.52 -11.80 6.13
CA GLY B 272 -16.94 -11.81 5.81
C GLY B 272 -17.80 -11.32 6.96
N LEU B 273 -17.53 -11.79 8.18
CA LEU B 273 -18.33 -11.36 9.32
C LEU B 273 -18.26 -9.85 9.52
N LEU B 274 -17.05 -9.29 9.52
CA LEU B 274 -16.93 -7.85 9.72
C LEU B 274 -17.66 -7.08 8.62
N SER B 275 -17.59 -7.56 7.38
CA SER B 275 -18.28 -6.89 6.27
C SER B 275 -19.79 -6.92 6.45
N PHE B 276 -20.34 -8.10 6.75
CA PHE B 276 -21.79 -8.18 7.00
C PHE B 276 -22.19 -7.33 8.20
N ALA B 277 -21.38 -7.31 9.26
CA ALA B 277 -21.74 -6.54 10.44
C ALA B 277 -21.82 -5.06 10.13
N LEU B 278 -20.84 -4.53 9.40
CA LEU B 278 -20.90 -3.11 9.05
C LEU B 278 -22.08 -2.82 8.12
N TYR B 279 -22.37 -3.73 7.18
CA TYR B 279 -23.55 -3.58 6.34
C TYR B 279 -24.81 -3.45 7.19
N PHE B 280 -25.03 -4.39 8.10
CA PHE B 280 -26.26 -4.32 8.91
C PHE B 280 -26.29 -3.07 9.79
N LEU B 281 -25.12 -2.63 10.29
CA LEU B 281 -25.12 -1.41 11.10
C LEU B 281 -25.56 -0.19 10.30
N VAL B 282 -25.03 0.01 9.09
CA VAL B 282 -25.42 1.20 8.34
C VAL B 282 -26.86 1.12 7.85
N LYS B 283 -27.43 -0.09 7.77
CA LYS B 283 -28.83 -0.23 7.40
C LYS B 283 -29.78 -0.13 8.60
N ASN B 284 -29.26 -0.12 9.82
CA ASN B 284 -30.08 -0.10 11.04
C ASN B 284 -29.51 0.94 12.01
N PRO B 285 -29.78 2.23 11.76
CA PRO B 285 -29.15 3.27 12.56
C PRO B 285 -29.45 3.23 14.06
N HIS B 286 -30.62 2.73 14.50
CA HIS B 286 -30.83 2.58 15.94
C HIS B 286 -29.80 1.63 16.54
N VAL B 287 -29.51 0.54 15.84
CA VAL B 287 -28.54 -0.43 16.33
C VAL B 287 -27.13 0.17 16.29
N LEU B 288 -26.79 0.87 15.21
CA LEU B 288 -25.50 1.52 15.12
C LEU B 288 -25.27 2.48 16.28
N GLN B 289 -26.31 3.24 16.65
CA GLN B 289 -26.18 4.18 17.77
C GLN B 289 -25.87 3.46 19.07
N LYS B 290 -26.57 2.35 19.35
CA LYS B 290 -26.32 1.62 20.60
C LYS B 290 -24.91 1.03 20.63
N ALA B 291 -24.46 0.49 19.49
CA ALA B 291 -23.11 -0.09 19.44
C ALA B 291 -22.04 0.99 19.60
N ALA B 292 -22.25 2.14 18.95
CA ALA B 292 -21.26 3.22 19.04
C ALA B 292 -21.22 3.82 20.44
N GLU B 293 -22.37 3.95 21.11
CA GLU B 293 -22.35 4.41 22.49
C GLU B 293 -21.47 3.51 23.34
N GLU B 294 -21.62 2.19 23.19
CA GLU B 294 -20.81 1.29 24.00
C GLU B 294 -19.34 1.43 23.69
N ALA B 295 -18.98 1.49 22.40
CA ALA B 295 -17.57 1.57 22.03
C ALA B 295 -16.93 2.84 22.60
N ALA B 296 -17.62 3.97 22.52
CA ALA B 296 -17.08 5.23 23.03
C ALA B 296 -16.91 5.18 24.54
N ARG B 297 -17.85 4.53 25.25
CA ARG B 297 -17.84 4.52 26.70
C ARG B 297 -16.78 3.57 27.26
N VAL B 298 -16.59 2.43 26.60
CA VAL B 298 -15.72 1.38 27.11
C VAL B 298 -14.27 1.58 26.68
N LEU B 299 -14.04 1.97 25.42
CA LEU B 299 -12.68 2.08 24.87
C LEU B 299 -12.09 3.45 25.18
N VAL B 300 -11.80 3.67 26.47
CA VAL B 300 -11.39 5.00 26.92
C VAL B 300 -9.92 5.30 26.68
N ASP B 301 -9.13 4.32 26.25
CA ASP B 301 -7.71 4.53 26.06
C ASP B 301 -7.35 4.48 24.57
N PRO B 302 -6.29 5.19 24.15
CA PRO B 302 -5.89 5.12 22.73
C PRO B 302 -5.59 3.71 22.26
N VAL B 303 -5.05 2.86 23.13
CA VAL B 303 -4.75 1.46 22.83
C VAL B 303 -5.73 0.60 23.62
N PRO B 304 -6.70 -0.06 22.96
CA PRO B 304 -7.64 -0.91 23.72
C PRO B 304 -6.92 -2.06 24.39
N SER B 305 -7.39 -2.41 25.60
CA SER B 305 -6.86 -3.54 26.34
C SER B 305 -7.71 -4.77 26.12
N TYR B 306 -7.15 -5.93 26.49
CA TYR B 306 -7.89 -7.18 26.43
C TYR B 306 -9.15 -7.11 27.28
N LYS B 307 -9.04 -6.59 28.51
CA LYS B 307 -10.20 -6.49 29.39
C LYS B 307 -11.28 -5.60 28.81
N GLN B 308 -10.88 -4.49 28.16
CA GLN B 308 -11.88 -3.60 27.59
C GLN B 308 -12.64 -4.27 26.45
N VAL B 309 -11.93 -5.02 25.59
CA VAL B 309 -12.62 -5.73 24.52
C VAL B 309 -13.66 -6.69 25.09
N LYS B 310 -13.33 -7.36 26.20
CA LYS B 310 -14.29 -8.27 26.82
C LYS B 310 -15.53 -7.55 27.32
N GLN B 311 -15.46 -6.23 27.54
CA GLN B 311 -16.61 -5.47 28.03
C GLN B 311 -17.55 -5.02 26.92
N LEU B 312 -17.19 -5.23 25.66
CA LEU B 312 -18.03 -4.76 24.55
C LEU B 312 -19.14 -5.77 24.27
N LYS B 313 -20.10 -5.83 25.20
CA LYS B 313 -21.14 -6.85 25.15
CA LYS B 313 -21.14 -6.86 25.14
C LYS B 313 -22.06 -6.67 23.94
N TYR B 314 -22.53 -5.44 23.71
CA TYR B 314 -23.45 -5.20 22.62
C TYR B 314 -22.76 -5.33 21.26
N VAL B 315 -21.50 -4.91 21.16
CA VAL B 315 -20.74 -5.18 19.93
C VAL B 315 -20.72 -6.68 19.64
N GLY B 316 -20.50 -7.49 20.68
CA GLY B 316 -20.54 -8.93 20.52
C GLY B 316 -21.89 -9.44 20.07
N MET B 317 -22.97 -8.83 20.57
CA MET B 317 -24.31 -9.22 20.14
C MET B 317 -24.55 -8.85 18.67
N VAL B 318 -24.04 -7.71 18.22
CA VAL B 318 -24.12 -7.35 16.81
C VAL B 318 -23.45 -8.41 15.95
N LEU B 319 -22.27 -8.85 16.37
CA LEU B 319 -21.54 -9.85 15.58
C LEU B 319 -22.30 -11.18 15.53
N ASN B 320 -22.86 -11.62 16.66
CA ASN B 320 -23.62 -12.86 16.65
C ASN B 320 -24.86 -12.75 15.77
N GLU B 321 -25.53 -11.59 15.80
CA GLU B 321 -26.70 -11.40 14.95
C GLU B 321 -26.32 -11.38 13.48
N ALA B 322 -25.13 -10.85 13.14
CA ALA B 322 -24.66 -10.94 11.76
C ALA B 322 -24.33 -12.38 11.38
N LEU B 323 -23.75 -13.16 12.30
CA LEU B 323 -23.55 -14.58 12.05
C LEU B 323 -24.87 -15.33 11.96
N ARG B 324 -25.92 -14.87 12.64
CA ARG B 324 -27.21 -15.55 12.51
C ARG B 324 -27.73 -15.42 11.09
N LEU B 325 -27.77 -14.20 10.56
CA LEU B 325 -28.39 -14.03 9.24
C LEU B 325 -27.48 -14.53 8.11
N TRP B 326 -26.18 -14.30 8.19
CA TRP B 326 -25.25 -14.69 7.12
C TRP B 326 -24.01 -15.37 7.68
N PRO B 327 -24.15 -16.59 8.19
CA PRO B 327 -22.97 -17.35 8.63
C PRO B 327 -22.01 -17.54 7.47
N THR B 328 -20.75 -17.13 7.66
CA THR B 328 -19.90 -16.95 6.50
C THR B 328 -19.26 -18.24 6.00
N ALA B 329 -19.30 -19.32 6.78
CA ALA B 329 -19.04 -20.67 6.30
C ALA B 329 -20.39 -21.40 6.36
N PRO B 330 -21.18 -21.36 5.28
CA PRO B 330 -22.64 -21.48 5.44
C PRO B 330 -23.20 -22.90 5.50
N ALA B 331 -22.36 -23.93 5.45
CA ALA B 331 -22.88 -25.29 5.55
C ALA B 331 -21.82 -26.20 6.12
N PHE B 332 -22.26 -27.31 6.69
CA PHE B 332 -21.34 -28.41 7.00
C PHE B 332 -22.06 -29.72 6.73
N SER B 333 -21.27 -30.80 6.66
CA SER B 333 -21.77 -32.09 6.19
C SER B 333 -21.52 -33.18 7.23
N LEU B 334 -22.42 -34.16 7.27
CA LEU B 334 -22.38 -35.26 8.23
C LEU B 334 -22.69 -36.56 7.52
N TYR B 335 -22.23 -37.68 8.10
CA TYR B 335 -22.64 -39.00 7.64
C TYR B 335 -23.12 -39.83 8.83
N ALA B 336 -24.07 -40.73 8.55
CA ALA B 336 -24.62 -41.61 9.58
C ALA B 336 -23.61 -42.69 9.96
N LYS B 337 -23.28 -42.78 11.25
CA LYS B 337 -22.33 -43.80 11.69
C LYS B 337 -22.93 -45.19 11.61
N GLU B 338 -24.23 -45.33 11.83
CA GLU B 338 -24.96 -46.58 11.70
C GLU B 338 -26.34 -46.28 11.15
N ASP B 339 -27.06 -47.33 10.76
CA ASP B 339 -28.48 -47.17 10.44
C ASP B 339 -29.17 -46.43 11.58
N THR B 340 -30.03 -45.48 11.23
CA THR B 340 -30.73 -44.70 12.22
C THR B 340 -31.92 -44.01 11.56
N VAL B 341 -32.90 -43.60 12.36
CA VAL B 341 -34.09 -42.92 11.86
C VAL B 341 -34.04 -41.48 12.31
N LEU B 342 -34.07 -40.56 11.35
CA LEU B 342 -34.01 -39.13 11.63
C LEU B 342 -35.42 -38.59 11.88
N GLY B 343 -35.60 -37.95 13.03
CA GLY B 343 -36.85 -37.28 13.34
C GLY B 343 -38.05 -38.19 13.40
N GLY B 344 -37.85 -39.49 13.66
CA GLY B 344 -38.94 -40.43 13.71
C GLY B 344 -39.61 -40.69 12.38
N GLU B 345 -39.05 -40.18 11.29
CA GLU B 345 -39.74 -40.17 10.00
C GLU B 345 -38.86 -40.54 8.81
N TYR B 346 -37.55 -40.32 8.86
CA TYR B 346 -36.68 -40.49 7.70
C TYR B 346 -35.62 -41.54 7.97
N PRO B 347 -35.81 -42.78 7.52
CA PRO B 347 -34.80 -43.82 7.76
C PRO B 347 -33.53 -43.54 6.98
N LEU B 348 -32.39 -43.67 7.65
CA LEU B 348 -31.09 -43.51 7.02
C LEU B 348 -30.28 -44.79 7.20
N GLU B 349 -29.48 -45.11 6.20
CA GLU B 349 -28.56 -46.24 6.26
C GLU B 349 -27.16 -45.73 6.59
N LYS B 350 -26.39 -46.57 7.28
CA LYS B 350 -25.00 -46.28 7.59
C LYS B 350 -24.30 -45.71 6.36
N GLY B 351 -23.64 -44.56 6.55
CA GLY B 351 -22.94 -43.91 5.48
C GLY B 351 -23.73 -42.83 4.75
N ASP B 352 -25.05 -42.79 4.92
CA ASP B 352 -25.86 -41.75 4.28
C ASP B 352 -25.43 -40.37 4.77
N GLU B 353 -25.41 -39.40 3.84
CA GLU B 353 -24.90 -38.06 4.09
C GLU B 353 -26.02 -37.05 4.32
N LEU B 354 -25.69 -36.00 5.08
CA LEU B 354 -26.56 -34.86 5.36
C LEU B 354 -25.77 -33.58 5.11
N MET B 355 -26.48 -32.54 4.66
CA MET B 355 -25.93 -31.19 4.60
C MET B 355 -26.74 -30.30 5.53
N VAL B 356 -26.07 -29.55 6.40
CA VAL B 356 -26.73 -28.61 7.31
C VAL B 356 -26.67 -27.22 6.68
N LEU B 357 -27.83 -26.64 6.38
CA LEU B 357 -27.92 -25.32 5.74
C LEU B 357 -28.04 -24.27 6.83
N ILE B 358 -26.89 -23.73 7.27
CA ILE B 358 -26.88 -22.89 8.48
C ILE B 358 -27.77 -21.67 8.32
N PRO B 359 -27.77 -20.94 7.20
CA PRO B 359 -28.65 -19.77 7.09
C PRO B 359 -30.12 -20.11 7.31
N GLN B 360 -30.54 -21.31 6.89
CA GLN B 360 -31.93 -21.70 7.07
C GLN B 360 -32.21 -22.09 8.52
N LEU B 361 -31.30 -22.83 9.16
CA LEU B 361 -31.41 -23.09 10.58
C LEU B 361 -31.67 -21.80 11.35
N HIS B 362 -30.91 -20.76 11.03
CA HIS B 362 -30.96 -19.48 11.71
C HIS B 362 -32.20 -18.66 11.36
N ARG B 363 -33.05 -19.17 10.48
CA ARG B 363 -34.32 -18.55 10.12
C ARG B 363 -35.51 -19.41 10.55
N ASP B 364 -35.29 -20.42 11.38
CA ASP B 364 -36.36 -21.28 11.86
C ASP B 364 -37.30 -20.47 12.76
N LYS B 365 -38.51 -20.18 12.27
CA LYS B 365 -39.42 -19.32 13.01
C LYS B 365 -39.93 -19.97 14.30
N THR B 366 -39.89 -21.31 14.40
CA THR B 366 -40.32 -21.92 15.66
C THR B 366 -39.32 -21.69 16.78
N ILE B 367 -38.09 -21.32 16.45
CA ILE B 367 -37.06 -21.00 17.44
C ILE B 367 -37.00 -19.50 17.70
N TRP B 368 -36.92 -18.71 16.62
CA TRP B 368 -36.57 -17.29 16.71
C TRP B 368 -37.77 -16.36 16.68
N GLY B 369 -38.96 -16.83 16.31
CA GLY B 369 -40.11 -15.96 16.19
C GLY B 369 -40.32 -15.50 14.77
N ASP B 370 -41.34 -14.65 14.61
CA ASP B 370 -41.82 -14.28 13.29
C ASP B 370 -40.89 -13.29 12.58
N ASP B 371 -40.08 -12.55 13.32
CA ASP B 371 -39.26 -11.47 12.77
C ASP B 371 -37.86 -11.90 12.36
N VAL B 372 -37.68 -13.11 11.81
CA VAL B 372 -36.34 -13.68 11.65
C VAL B 372 -35.48 -12.91 10.65
N GLU B 373 -36.08 -12.18 9.71
CA GLU B 373 -35.28 -11.42 8.75
C GLU B 373 -34.80 -10.08 9.30
N GLU B 374 -35.31 -9.63 10.45
CA GLU B 374 -34.89 -8.34 10.99
C GLU B 374 -33.58 -8.49 11.76
N PHE B 375 -32.77 -7.42 11.74
CA PHE B 375 -31.47 -7.39 12.40
C PHE B 375 -31.65 -6.81 13.81
N ARG B 376 -31.69 -7.70 14.82
CA ARG B 376 -32.00 -7.31 16.20
C ARG B 376 -31.01 -7.96 17.14
N PRO B 377 -29.87 -7.31 17.40
CA PRO B 377 -28.88 -7.91 18.32
C PRO B 377 -29.45 -8.22 19.70
N GLU B 378 -30.53 -7.57 20.10
CA GLU B 378 -31.15 -7.83 21.40
C GLU B 378 -31.57 -9.29 21.56
N ARG B 379 -31.71 -10.04 20.46
CA ARG B 379 -31.99 -11.48 20.56
C ARG B 379 -30.96 -12.20 21.42
N PHE B 380 -29.73 -11.69 21.47
CA PHE B 380 -28.63 -12.35 22.15
C PHE B 380 -28.33 -11.76 23.51
N GLU B 381 -29.22 -10.91 24.04
CA GLU B 381 -28.96 -10.28 25.32
C GLU B 381 -28.75 -11.32 26.41
N ASN B 382 -29.53 -12.40 26.36
CA ASN B 382 -29.53 -13.45 27.37
C ASN B 382 -29.13 -14.76 26.70
N PRO B 383 -27.85 -15.12 26.72
CA PRO B 383 -27.43 -16.33 25.98
C PRO B 383 -28.13 -17.59 26.41
N SER B 384 -28.61 -17.64 27.66
CA SER B 384 -29.28 -18.83 28.18
C SER B 384 -30.58 -19.13 27.46
N ALA B 385 -31.18 -18.13 26.81
CA ALA B 385 -32.47 -18.32 26.16
C ALA B 385 -32.36 -18.95 24.77
N ILE B 386 -31.15 -19.20 24.28
CA ILE B 386 -30.94 -19.79 22.96
C ILE B 386 -30.93 -21.30 23.13
N PRO B 387 -31.84 -22.04 22.50
CA PRO B 387 -31.84 -23.50 22.64
C PRO B 387 -30.58 -24.14 22.08
N GLN B 388 -30.23 -25.32 22.63
CA GLN B 388 -29.09 -26.05 22.12
C GLN B 388 -29.29 -26.36 20.64
N HIS B 389 -28.22 -26.15 19.86
CA HIS B 389 -28.17 -26.45 18.43
C HIS B 389 -29.08 -25.56 17.60
N ALA B 390 -29.54 -24.43 18.14
CA ALA B 390 -30.29 -23.46 17.34
C ALA B 390 -29.40 -22.48 16.60
N PHE B 391 -28.18 -22.27 17.08
CA PHE B 391 -27.26 -21.25 16.57
C PHE B 391 -25.91 -21.92 16.38
N LYS B 392 -25.52 -22.18 15.12
CA LYS B 392 -24.37 -23.03 14.82
C LYS B 392 -23.45 -22.44 13.75
N PRO B 393 -23.10 -21.15 13.84
CA PRO B 393 -22.19 -20.58 12.85
C PRO B 393 -20.78 -21.14 12.92
N HIS B 394 -20.43 -21.88 13.98
N HIS B 394 -20.46 -21.89 13.98
CA HIS B 394 -19.08 -22.43 14.10
CA HIS B 394 -19.11 -22.42 14.21
C HIS B 394 -19.10 -23.95 14.15
C HIS B 394 -19.04 -23.93 14.00
N GLY B 395 -20.11 -24.57 13.54
CA GLY B 395 -20.12 -26.01 13.43
C GLY B 395 -20.55 -26.68 14.73
N ASN B 396 -20.14 -27.95 14.89
CA ASN B 396 -20.68 -28.80 15.94
C ASN B 396 -19.61 -29.68 16.59
N GLY B 397 -19.69 -29.78 17.93
CA GLY B 397 -19.02 -30.84 18.65
C GLY B 397 -17.50 -30.75 18.58
N GLN B 398 -16.86 -31.93 18.59
CA GLN B 398 -15.40 -31.97 18.53
C GLN B 398 -14.86 -31.47 17.20
N ARG B 399 -15.69 -31.44 16.16
CA ARG B 399 -15.29 -30.86 14.87
C ARG B 399 -15.77 -29.42 14.71
N ALA B 400 -16.08 -28.75 15.82
CA ALA B 400 -16.44 -27.33 15.74
C ALA B 400 -15.20 -26.49 15.44
N CYS B 401 -15.45 -25.24 15.07
CA CYS B 401 -14.37 -24.31 14.70
C CYS B 401 -13.38 -24.12 15.85
N ILE B 402 -12.10 -24.41 15.59
CA ILE B 402 -11.09 -24.24 16.64
C ILE B 402 -10.76 -22.77 16.86
N GLY B 403 -11.03 -21.90 15.89
CA GLY B 403 -10.68 -20.50 15.99
C GLY B 403 -11.81 -19.58 16.42
N GLN B 404 -12.89 -20.13 16.97
CA GLN B 404 -14.08 -19.32 17.26
C GLN B 404 -13.74 -18.13 18.17
N GLN B 405 -12.99 -18.38 19.24
N GLN B 405 -12.99 -18.38 19.24
CA GLN B 405 -12.64 -17.30 20.16
CA GLN B 405 -12.65 -17.30 20.17
C GLN B 405 -11.70 -16.29 19.52
C GLN B 405 -11.67 -16.30 19.56
N PHE B 406 -10.76 -16.77 18.70
CA PHE B 406 -9.85 -15.87 17.98
C PHE B 406 -10.65 -14.93 17.08
N ALA B 407 -11.53 -15.50 16.26
CA ALA B 407 -12.34 -14.68 15.34
C ALA B 407 -13.16 -13.63 16.09
N LEU B 408 -13.82 -14.04 17.19
CA LEU B 408 -14.72 -13.09 17.86
C LEU B 408 -13.94 -12.02 18.63
N HIS B 409 -12.75 -12.36 19.13
CA HIS B 409 -11.97 -11.33 19.81
C HIS B 409 -11.46 -10.30 18.82
N GLU B 410 -10.93 -10.76 17.69
CA GLU B 410 -10.47 -9.85 16.64
C GLU B 410 -11.61 -8.98 16.14
N ALA B 411 -12.77 -9.59 15.83
CA ALA B 411 -13.85 -8.81 15.24
C ALA B 411 -14.46 -7.84 16.24
N THR B 412 -14.53 -8.21 17.53
CA THR B 412 -15.04 -7.28 18.53
C THR B 412 -14.10 -6.10 18.72
N LEU B 413 -12.79 -6.38 18.82
CA LEU B 413 -11.79 -5.32 18.90
C LEU B 413 -11.90 -4.36 17.73
N VAL B 414 -11.91 -4.90 16.51
CA VAL B 414 -11.84 -4.06 15.31
C VAL B 414 -13.13 -3.27 15.14
N LEU B 415 -14.28 -3.94 15.26
CA LEU B 415 -15.55 -3.24 15.12
C LEU B 415 -15.70 -2.18 16.21
N GLY B 416 -15.26 -2.48 17.43
CA GLY B 416 -15.27 -1.47 18.48
C GLY B 416 -14.43 -0.26 18.13
N MET B 417 -13.22 -0.49 17.60
CA MET B 417 -12.37 0.65 17.22
C MET B 417 -12.97 1.44 16.05
N MET B 418 -13.55 0.74 15.06
CA MET B 418 -14.21 1.43 13.96
C MET B 418 -15.31 2.35 14.47
N LEU B 419 -16.15 1.85 15.39
CA LEU B 419 -17.28 2.64 15.87
C LEU B 419 -16.83 3.75 16.81
N LYS B 420 -15.68 3.58 17.47
CA LYS B 420 -15.15 4.65 18.30
C LYS B 420 -14.64 5.80 17.46
N HIS B 421 -13.98 5.51 16.33
CA HIS B 421 -13.22 6.54 15.64
C HIS B 421 -13.94 7.21 14.48
N PHE B 422 -15.03 6.65 13.96
CA PHE B 422 -15.69 7.19 12.77
C PHE B 422 -17.20 7.10 12.89
N ASP B 423 -17.88 8.06 12.24
CA ASP B 423 -19.26 7.90 11.81
C ASP B 423 -19.27 7.35 10.38
N PHE B 424 -20.28 6.53 10.06
CA PHE B 424 -20.33 5.87 8.77
C PHE B 424 -21.58 6.28 7.99
N GLU B 425 -21.42 6.38 6.66
CA GLU B 425 -22.50 6.76 5.75
C GLU B 425 -22.61 5.75 4.62
N ASP B 426 -23.81 5.22 4.41
CA ASP B 426 -24.14 4.37 3.27
C ASP B 426 -24.49 5.27 2.09
N HIS B 427 -23.46 5.88 1.51
CA HIS B 427 -23.66 6.99 0.58
C HIS B 427 -24.20 6.54 -0.78
N THR B 428 -24.08 5.27 -1.14
CA THR B 428 -24.63 4.77 -2.41
C THR B 428 -25.97 4.06 -2.24
N ASN B 429 -26.52 4.02 -1.02
CA ASN B 429 -27.67 3.18 -0.69
C ASN B 429 -27.48 1.77 -1.26
N TYR B 430 -26.43 1.12 -0.74
CA TYR B 430 -25.92 -0.12 -1.32
C TYR B 430 -26.95 -1.24 -1.26
N GLU B 431 -27.12 -1.93 -2.39
CA GLU B 431 -27.98 -3.12 -2.47
C GLU B 431 -27.14 -4.37 -2.20
N LEU B 432 -27.51 -5.13 -1.16
CA LEU B 432 -26.73 -6.30 -0.79
C LEU B 432 -26.56 -7.26 -1.96
N ASP B 433 -25.32 -7.64 -2.21
CA ASP B 433 -24.92 -8.55 -3.28
C ASP B 433 -23.91 -9.50 -2.66
N ILE B 434 -24.29 -10.76 -2.43
CA ILE B 434 -23.48 -11.68 -1.65
C ILE B 434 -22.70 -12.57 -2.62
N LYS B 435 -21.38 -12.39 -2.65
CA LYS B 435 -20.51 -13.22 -3.50
C LYS B 435 -20.23 -14.55 -2.81
N GLU B 436 -20.25 -15.63 -3.59
CA GLU B 436 -20.00 -16.97 -3.05
C GLU B 436 -18.67 -17.49 -3.56
N THR B 437 -17.83 -17.93 -2.62
CA THR B 437 -16.56 -18.62 -2.88
C THR B 437 -16.46 -19.80 -1.94
N LEU B 438 -17.53 -20.60 -1.90
CA LEU B 438 -17.81 -21.53 -0.80
C LEU B 438 -18.24 -20.72 0.42
N THR B 439 -17.37 -19.84 0.91
CA THR B 439 -17.71 -18.84 1.91
C THR B 439 -18.54 -17.71 1.28
N LEU B 440 -19.13 -16.88 2.15
CA LEU B 440 -20.02 -15.80 1.74
C LEU B 440 -19.46 -14.45 2.15
N LYS B 441 -19.61 -13.44 1.29
CA LYS B 441 -19.13 -12.10 1.64
C LYS B 441 -19.83 -11.07 0.77
N PRO B 442 -20.20 -9.90 1.29
CA PRO B 442 -20.72 -8.84 0.42
C PRO B 442 -19.69 -8.47 -0.65
N GLU B 443 -20.19 -8.19 -1.85
CA GLU B 443 -19.38 -7.67 -2.95
C GLU B 443 -19.83 -6.24 -3.29
N GLY B 444 -18.85 -5.37 -3.56
CA GLY B 444 -19.15 -4.00 -3.98
C GLY B 444 -19.66 -3.10 -2.87
N PHE B 445 -19.56 -3.52 -1.63
CA PHE B 445 -20.04 -2.74 -0.49
C PHE B 445 -19.02 -1.63 -0.20
N VAL B 446 -19.48 -0.38 -0.29
CA VAL B 446 -18.65 0.80 -0.03
C VAL B 446 -19.40 1.71 0.94
N VAL B 447 -18.64 2.48 1.73
CA VAL B 447 -19.18 3.47 2.66
C VAL B 447 -18.23 4.65 2.68
N LYS B 448 -18.69 5.75 3.29
CA LYS B 448 -17.85 6.87 3.64
C LYS B 448 -17.73 6.97 5.15
N ALA B 449 -16.54 7.28 5.63
CA ALA B 449 -16.29 7.42 7.06
C ALA B 449 -15.95 8.86 7.36
N LYS B 450 -16.58 9.42 8.38
CA LYS B 450 -16.27 10.77 8.85
C LYS B 450 -15.60 10.63 10.21
N SER B 451 -14.34 11.06 10.28
CA SER B 451 -13.57 10.88 11.50
C SER B 451 -14.17 11.66 12.67
N LYS B 452 -14.21 11.01 13.84
CA LYS B 452 -14.53 11.71 15.08
C LYS B 452 -13.32 12.44 15.66
N LYS B 453 -12.16 12.33 15.01
CA LYS B 453 -10.94 13.04 15.41
C LYS B 453 -10.50 12.69 16.83
N ILE B 454 -10.49 11.39 17.14
CA ILE B 454 -10.02 10.89 18.43
C ILE B 454 -8.62 10.32 18.24
N PRO B 455 -7.62 10.82 18.96
CA PRO B 455 -6.24 10.40 18.68
C PRO B 455 -6.00 8.94 19.03
N LEU B 456 -5.03 8.36 18.33
CA LEU B 456 -4.55 7.02 18.63
C LEU B 456 -3.30 7.09 19.51
#